data_8UWV
#
_entry.id   8UWV
#
_cell.length_a   56.370
_cell.length_b   82.592
_cell.length_c   100.265
_cell.angle_alpha   90.00
_cell.angle_beta   98.88
_cell.angle_gamma   90.00
#
_symmetry.space_group_name_H-M   'P 1 21 1'
#
loop_
_entity.id
_entity.type
_entity.pdbx_description
1 polymer 'BT3984 SusD-like'
2 non-polymer 'MAGNESIUM ION'
3 water water
#
_entity_poly.entity_id   1
_entity_poly.type   'polypeptide(L)'
_entity_poly.pdbx_seq_one_letter_code
;ENINSNPYEAPDLSADGYALGSAMNNLAGCVVSPDVNTAQFTDCLLGGPLGGYFADSNAGFTETISNFNPKDDWSRVFLK
SDKIIPTLYSNLTQVKLVSQNTNDPVPYAIAQVIKVAAMHRVTDAFGPIPYSQIGANGEIATPYDSQEVTYNTFFDELNA
AIATLNENSNEQLVPTADYIYKGDVKKWIRFANSLKLRLAIRIAYANPVKAQQMAEEAVNPANGGVIESNADNATWNYFE
TSQNPIYVATRYNQVQTSDHGGVPCLTGGDTHAAADIICYMNGYKDNRREKFFTKSEWAGQDYVGMRRGIVIPELKTTGH
KYSGVNIAPTSPLYWMNAAEVAFLRAEGQAVFNFSMGGTAESFYNQGIRLSFEQWGADGVEDYLKDDVNKPTAYTDPAGT
NTYQNALSNITIKWNDSADKEEKQERIIVQKWIANWQLGNEAWADFRRTGYPKLIPVKENKSGGVVDSEKGARRMPYPLD
EFVSNKANVEYAIANYLHGADNMATDVWWASKK
;
_entity_poly.pdbx_strand_id   A,B
#
loop_
_chem_comp.id
_chem_comp.type
_chem_comp.name
_chem_comp.formula
MG non-polymer 'MAGNESIUM ION' 'Mg 2'
#
# COMPACT_ATOMS: atom_id res chain seq x y z
N ALA A 19 -48.22 -11.67 -12.81
CA ALA A 19 -47.17 -12.01 -11.84
C ALA A 19 -45.78 -11.67 -12.35
N LEU A 20 -45.52 -11.96 -13.62
CA LEU A 20 -44.19 -11.72 -14.17
C LEU A 20 -43.83 -10.24 -14.09
N GLY A 21 -44.71 -9.38 -14.59
CA GLY A 21 -44.40 -7.95 -14.62
C GLY A 21 -44.24 -7.34 -13.22
N SER A 22 -45.10 -7.73 -12.29
CA SER A 22 -44.94 -7.21 -10.94
C SER A 22 -43.59 -7.62 -10.39
N ALA A 23 -43.25 -8.89 -10.59
CA ALA A 23 -41.99 -9.39 -10.05
C ALA A 23 -40.80 -8.67 -10.69
N MET A 24 -40.85 -8.42 -11.98
CA MET A 24 -39.69 -7.81 -12.65
C MET A 24 -39.49 -6.39 -12.16
N ASN A 25 -40.58 -5.62 -11.95
CA ASN A 25 -40.39 -4.28 -11.46
C ASN A 25 -39.94 -4.27 -10.01
N ASN A 26 -40.35 -5.27 -9.23
CA ASN A 26 -39.84 -5.42 -7.88
C ASN A 26 -38.34 -5.73 -7.90
N LEU A 27 -37.89 -6.58 -8.84
CA LEU A 27 -36.45 -6.81 -8.96
C LEU A 27 -35.70 -5.54 -9.28
N ALA A 28 -36.24 -4.75 -10.21
CA ALA A 28 -35.55 -3.50 -10.58
C ALA A 28 -35.30 -2.59 -9.38
N GLY A 29 -36.21 -2.62 -8.40
CA GLY A 29 -36.07 -1.83 -7.22
C GLY A 29 -35.05 -2.35 -6.23
N CYS A 30 -34.32 -3.44 -6.55
CA CYS A 30 -33.30 -3.95 -5.67
C CYS A 30 -31.90 -3.49 -6.06
N VAL A 31 -31.73 -2.73 -7.15
CA VAL A 31 -30.45 -2.11 -7.52
C VAL A 31 -30.33 -0.84 -6.67
N VAL A 32 -30.99 0.27 -7.06
CA VAL A 32 -31.19 1.44 -6.21
C VAL A 32 -32.67 1.42 -5.80
N SER A 33 -32.91 1.33 -4.51
CA SER A 33 -34.26 1.16 -4.02
C SER A 33 -35.12 2.40 -4.27
N PRO A 34 -36.41 2.20 -4.58
CA PRO A 34 -37.34 3.33 -4.62
C PRO A 34 -37.70 3.82 -3.24
N ASP A 35 -37.45 3.04 -2.20
CA ASP A 35 -37.71 3.47 -0.83
C ASP A 35 -36.68 4.52 -0.45
N VAL A 36 -37.16 5.74 -0.14
CA VAL A 36 -36.25 6.86 0.04
C VAL A 36 -35.18 6.56 1.06
N ASN A 37 -35.55 6.10 2.25
CA ASN A 37 -34.53 6.04 3.28
C ASN A 37 -33.52 4.92 2.97
N THR A 38 -33.94 3.84 2.27
CA THR A 38 -33.01 2.79 1.85
C THR A 38 -32.00 3.33 0.86
N ALA A 39 -32.48 3.98 -0.20
CA ALA A 39 -31.59 4.62 -1.17
C ALA A 39 -30.75 5.69 -0.52
N GLN A 40 -31.28 6.40 0.47
CA GLN A 40 -30.48 7.38 1.17
C GLN A 40 -29.24 6.71 1.74
N PHE A 41 -29.41 5.57 2.41
CA PHE A 41 -28.27 4.90 3.01
C PHE A 41 -27.34 4.31 1.96
N THR A 42 -27.87 3.61 0.94
CA THR A 42 -26.98 2.91 0.01
C THR A 42 -26.27 3.86 -0.94
N ASP A 43 -26.95 4.90 -1.38
CA ASP A 43 -26.48 5.72 -2.47
C ASP A 43 -26.19 7.16 -2.11
N CYS A 44 -26.89 7.72 -1.12
CA CYS A 44 -26.65 9.12 -0.78
C CYS A 44 -25.63 9.31 0.34
N LEU A 45 -25.62 8.42 1.34
CA LEU A 45 -24.73 8.51 2.49
C LEU A 45 -23.54 7.56 2.38
N LEU A 46 -23.66 6.47 1.63
CA LEU A 46 -22.57 5.52 1.39
C LEU A 46 -21.96 5.84 0.03
N GLY A 47 -22.65 5.47 -1.06
CA GLY A 47 -21.99 5.54 -2.35
C GLY A 47 -21.54 6.94 -2.75
N GLY A 48 -22.44 7.92 -2.62
CA GLY A 48 -22.13 9.26 -3.07
C GLY A 48 -20.88 9.86 -2.46
N PRO A 49 -20.77 9.84 -1.13
CA PRO A 49 -19.58 10.39 -0.51
C PRO A 49 -18.34 9.55 -0.76
N LEU A 50 -18.45 8.23 -0.69
CA LEU A 50 -17.26 7.40 -0.88
C LEU A 50 -16.78 7.40 -2.32
N GLY A 51 -17.64 7.78 -3.26
CA GLY A 51 -17.25 7.94 -4.66
C GLY A 51 -16.87 9.36 -5.04
N GLY A 52 -16.84 10.29 -4.10
CA GLY A 52 -16.39 11.63 -4.40
C GLY A 52 -17.40 12.55 -5.06
N TYR A 53 -18.68 12.18 -5.03
CA TYR A 53 -19.76 12.94 -5.67
C TYR A 53 -20.57 13.80 -4.71
N PHE A 54 -20.88 13.27 -3.53
CA PHE A 54 -21.80 13.90 -2.60
C PHE A 54 -21.11 14.15 -1.28
N ALA A 55 -21.63 15.11 -0.52
CA ALA A 55 -21.15 15.44 0.80
C ALA A 55 -22.29 15.51 1.78
N ASP A 56 -22.13 14.81 2.91
CA ASP A 56 -23.10 14.86 4.01
C ASP A 56 -23.18 16.30 4.53
N SER A 57 -24.41 16.78 4.79
CA SER A 57 -24.59 18.20 5.04
C SER A 57 -25.68 18.48 6.07
N ASN A 58 -25.85 17.63 7.05
CA ASN A 58 -26.67 17.87 8.25
C ASN A 58 -25.68 17.91 9.42
N ALA A 59 -25.63 19.01 10.16
CA ALA A 59 -24.67 19.12 11.25
C ALA A 59 -24.93 18.11 12.37
N GLY A 60 -26.14 17.60 12.47
CA GLY A 60 -26.43 16.58 13.46
C GLY A 60 -25.88 15.21 13.12
N PHE A 61 -25.34 15.03 11.90
CA PHE A 61 -24.74 13.74 11.51
C PHE A 61 -23.34 13.69 12.10
N THR A 62 -23.24 13.38 13.39
CA THR A 62 -21.93 13.31 14.02
C THR A 62 -21.28 11.94 13.87
N GLU A 63 -22.03 10.94 13.40
CA GLU A 63 -21.54 9.60 13.11
C GLU A 63 -21.94 9.35 11.66
N THR A 64 -20.96 9.18 10.78
CA THR A 64 -21.24 9.04 9.36
C THR A 64 -20.34 7.98 8.74
N ILE A 65 -20.73 7.52 7.56
CA ILE A 65 -19.82 6.71 6.77
C ILE A 65 -18.64 7.55 6.29
N SER A 66 -18.91 8.77 5.80
CA SER A 66 -17.89 9.59 5.17
C SER A 66 -16.83 10.06 6.15
N ASN A 67 -17.14 10.17 7.43
CA ASN A 67 -16.14 10.50 8.46
C ASN A 67 -15.54 9.24 9.10
N PHE A 68 -16.00 8.06 8.71
CA PHE A 68 -15.42 6.79 9.12
C PHE A 68 -15.76 6.40 10.54
N ASN A 69 -16.93 6.84 11.02
CA ASN A 69 -17.44 6.38 12.32
C ASN A 69 -18.93 6.04 12.23
N PRO A 70 -19.36 5.25 11.25
CA PRO A 70 -20.80 5.04 11.07
C PRO A 70 -21.39 4.15 12.15
N LYS A 71 -22.63 4.47 12.51
CA LYS A 71 -23.45 3.55 13.24
C LYS A 71 -23.79 2.34 12.37
N ASP A 72 -24.04 1.21 13.02
CA ASP A 72 -24.42 0.01 12.30
C ASP A 72 -25.59 0.25 11.37
N ASP A 73 -26.57 1.04 11.82
CA ASP A 73 -27.76 1.23 11.00
C ASP A 73 -27.50 1.99 9.71
N TRP A 74 -26.38 2.69 9.60
CA TRP A 74 -25.98 3.30 8.32
C TRP A 74 -25.23 2.30 7.44
N SER A 75 -24.28 1.55 7.99
CA SER A 75 -23.40 0.73 7.18
C SER A 75 -23.96 -0.63 6.80
N ARG A 76 -24.98 -1.11 7.52
CA ARG A 76 -25.43 -2.50 7.34
C ARG A 76 -26.37 -2.70 6.16
N VAL A 77 -26.92 -1.63 5.62
CA VAL A 77 -28.15 -1.65 4.83
C VAL A 77 -28.09 -2.60 3.65
N PHE A 78 -27.01 -2.61 2.88
CA PHE A 78 -26.99 -3.50 1.73
C PHE A 78 -27.27 -4.97 2.12
N LEU A 79 -26.76 -5.43 3.27
CA LEU A 79 -27.00 -6.81 3.71
C LEU A 79 -28.26 -7.00 4.55
N LYS A 80 -28.72 -5.98 5.28
CA LYS A 80 -29.77 -6.15 6.27
C LYS A 80 -31.10 -5.57 5.86
N SER A 81 -31.18 -4.70 4.87
CA SER A 81 -32.49 -4.17 4.52
C SER A 81 -33.35 -5.26 3.91
N ASP A 82 -34.59 -5.37 4.39
CA ASP A 82 -35.51 -6.28 3.75
C ASP A 82 -35.91 -5.82 2.36
N LYS A 83 -35.66 -4.59 2.03
CA LYS A 83 -35.96 -4.04 0.71
C LYS A 83 -34.94 -4.42 -0.35
N ILE A 84 -33.86 -5.09 0.02
CA ILE A 84 -32.81 -5.44 -0.96
C ILE A 84 -32.79 -6.96 -1.12
N ILE A 85 -32.02 -7.70 -0.32
CA ILE A 85 -31.82 -9.12 -0.62
C ILE A 85 -33.12 -9.95 -0.48
N PRO A 86 -33.92 -9.80 0.58
CA PRO A 86 -35.17 -10.56 0.63
C PRO A 86 -36.11 -10.25 -0.52
N THR A 87 -36.23 -8.98 -0.88
CA THR A 87 -37.09 -8.62 -1.99
C THR A 87 -36.55 -9.22 -3.29
N LEU A 88 -35.23 -9.17 -3.48
CA LEU A 88 -34.66 -9.65 -4.72
C LEU A 88 -34.94 -11.15 -4.87
N TYR A 89 -34.60 -11.93 -3.86
CA TYR A 89 -34.68 -13.37 -4.00
C TYR A 89 -36.13 -13.85 -4.05
N SER A 90 -37.02 -13.23 -3.27
CA SER A 90 -38.43 -13.60 -3.33
CA SER A 90 -38.43 -13.62 -3.32
C SER A 90 -39.01 -13.36 -4.72
N ASN A 91 -38.64 -12.27 -5.36
CA ASN A 91 -39.12 -11.99 -6.71
C ASN A 91 -38.40 -12.80 -7.76
N LEU A 92 -37.13 -13.11 -7.53
CA LEU A 92 -36.44 -14.02 -8.46
C LEU A 92 -37.13 -15.37 -8.54
N THR A 93 -37.55 -15.89 -7.39
CA THR A 93 -38.26 -17.16 -7.34
C THR A 93 -39.55 -17.10 -8.15
N GLN A 94 -40.26 -15.97 -8.12
CA GLN A 94 -41.50 -15.82 -8.90
C GLN A 94 -41.20 -15.78 -10.42
N VAL A 95 -40.09 -15.15 -10.84
CA VAL A 95 -39.77 -15.18 -12.26
C VAL A 95 -39.30 -16.59 -12.69
N LYS A 96 -38.55 -17.27 -11.82
CA LYS A 96 -38.15 -18.63 -12.11
C LYS A 96 -39.39 -19.50 -12.33
N LEU A 97 -40.43 -19.29 -11.50
CA LEU A 97 -41.69 -20.02 -11.63
C LEU A 97 -42.30 -19.79 -13.00
N VAL A 98 -42.36 -18.54 -13.45
CA VAL A 98 -42.91 -18.28 -14.76
C VAL A 98 -42.11 -19.01 -15.82
N SER A 99 -40.77 -18.89 -15.81
CA SER A 99 -39.96 -19.60 -16.81
C SER A 99 -40.15 -21.11 -16.77
N GLN A 100 -40.23 -21.69 -15.56
CA GLN A 100 -40.50 -23.13 -15.48
C GLN A 100 -41.86 -23.49 -16.05
N ASN A 101 -42.89 -22.74 -15.66
CA ASN A 101 -44.25 -23.06 -16.05
C ASN A 101 -44.44 -22.94 -17.55
N THR A 102 -43.71 -22.04 -18.20
CA THR A 102 -43.93 -21.70 -19.60
C THR A 102 -42.89 -22.32 -20.53
N ASN A 103 -41.91 -23.06 -20.02
CA ASN A 103 -40.89 -23.61 -20.91
C ASN A 103 -40.14 -22.49 -21.64
N ASP A 104 -40.02 -21.32 -21.04
CA ASP A 104 -39.46 -20.14 -21.69
C ASP A 104 -38.39 -19.57 -20.79
N PRO A 105 -37.11 -19.76 -21.11
CA PRO A 105 -36.03 -19.29 -20.24
C PRO A 105 -35.72 -17.80 -20.32
N VAL A 106 -36.35 -17.05 -21.21
CA VAL A 106 -36.01 -15.64 -21.37
C VAL A 106 -36.31 -14.79 -20.14
N PRO A 107 -37.49 -14.89 -19.52
CA PRO A 107 -37.73 -14.09 -18.29
C PRO A 107 -36.70 -14.30 -17.21
N TYR A 108 -36.37 -15.54 -16.92
CA TYR A 108 -35.40 -15.78 -15.87
C TYR A 108 -34.00 -15.32 -16.26
N ALA A 109 -33.64 -15.36 -17.56
CA ALA A 109 -32.33 -14.83 -17.97
C ALA A 109 -32.25 -13.34 -17.67
N ILE A 110 -33.28 -12.59 -18.01
CA ILE A 110 -33.30 -11.16 -17.69
C ILE A 110 -33.23 -10.95 -16.19
N ALA A 111 -33.99 -11.73 -15.42
CA ALA A 111 -33.96 -11.58 -13.98
C ALA A 111 -32.57 -11.82 -13.42
N GLN A 112 -31.83 -12.77 -13.99
CA GLN A 112 -30.48 -13.03 -13.51
C GLN A 112 -29.55 -11.85 -13.79
N VAL A 113 -29.76 -11.13 -14.89
CA VAL A 113 -28.97 -9.93 -15.15
C VAL A 113 -29.23 -8.90 -14.06
N ILE A 114 -30.51 -8.69 -13.74
CA ILE A 114 -30.87 -7.76 -12.65
C ILE A 114 -30.27 -8.24 -11.33
N LYS A 115 -30.32 -9.54 -11.06
CA LYS A 115 -29.75 -10.11 -9.85
C LYS A 115 -28.29 -9.69 -9.71
N VAL A 116 -27.49 -9.88 -10.77
CA VAL A 116 -26.08 -9.53 -10.68
C VAL A 116 -25.91 -8.02 -10.53
N ALA A 117 -26.73 -7.22 -11.23
CA ALA A 117 -26.67 -5.77 -11.07
C ALA A 117 -26.92 -5.35 -9.64
N ALA A 118 -27.84 -6.04 -8.95
CA ALA A 118 -28.10 -5.73 -7.54
C ALA A 118 -27.01 -6.24 -6.63
N MET A 119 -26.63 -7.51 -6.80
CA MET A 119 -25.76 -8.18 -5.80
C MET A 119 -24.29 -7.82 -5.95
N HIS A 120 -23.81 -7.37 -7.11
CA HIS A 120 -22.40 -7.01 -7.14
C HIS A 120 -22.16 -5.79 -6.23
N ARG A 121 -23.15 -4.91 -6.09
CA ARG A 121 -23.03 -3.75 -5.19
C ARG A 121 -22.85 -4.19 -3.75
N VAL A 122 -23.47 -5.32 -3.37
CA VAL A 122 -23.41 -5.82 -1.99
C VAL A 122 -22.02 -6.37 -1.70
N THR A 123 -21.51 -7.28 -2.54
CA THR A 123 -20.17 -7.79 -2.29
C THR A 123 -19.14 -6.66 -2.43
N ASP A 124 -19.37 -5.70 -3.35
CA ASP A 124 -18.40 -4.62 -3.49
C ASP A 124 -18.35 -3.77 -2.22
N ALA A 125 -19.40 -3.77 -1.41
CA ALA A 125 -19.41 -3.04 -0.15
C ALA A 125 -18.74 -3.80 0.99
N PHE A 126 -18.93 -5.12 1.09
CA PHE A 126 -18.46 -5.88 2.26
C PHE A 126 -17.31 -6.85 2.01
N GLY A 127 -17.13 -7.33 0.79
CA GLY A 127 -16.18 -8.39 0.50
C GLY A 127 -16.89 -9.73 0.49
N PRO A 128 -16.46 -10.71 1.28
CA PRO A 128 -17.19 -11.98 1.33
C PRO A 128 -18.63 -11.76 1.77
N ILE A 129 -19.57 -12.46 1.16
CA ILE A 129 -20.99 -12.36 1.52
C ILE A 129 -21.63 -13.73 1.33
N PRO A 130 -22.75 -13.99 2.00
CA PRO A 130 -23.62 -15.07 1.53
C PRO A 130 -23.98 -14.84 0.07
N TYR A 131 -23.97 -15.92 -0.74
CA TYR A 131 -24.37 -15.80 -2.15
C TYR A 131 -24.94 -17.15 -2.62
N SER A 132 -24.11 -18.16 -2.84
CA SER A 132 -24.63 -19.42 -3.36
C SER A 132 -25.67 -20.08 -2.47
N GLN A 133 -25.61 -19.85 -1.16
CA GLN A 133 -26.53 -20.49 -0.24
C GLN A 133 -27.61 -19.57 0.27
N ILE A 134 -27.76 -18.36 -0.29
CA ILE A 134 -28.90 -17.52 0.11
C ILE A 134 -30.21 -18.31 -0.13
N GLY A 135 -31.17 -18.21 0.81
CA GLY A 135 -32.46 -18.91 0.69
C GLY A 135 -33.40 -18.35 -0.40
N ALA A 136 -34.45 -19.14 -0.67
CA ALA A 136 -35.42 -18.79 -1.72
C ALA A 136 -36.12 -17.48 -1.44
N ASN A 137 -36.21 -17.10 -0.16
CA ASN A 137 -36.83 -15.86 0.25
C ASN A 137 -35.76 -14.85 0.64
N GLY A 138 -34.51 -15.08 0.24
CA GLY A 138 -33.42 -14.18 0.55
C GLY A 138 -32.84 -14.26 1.94
N GLU A 139 -32.99 -15.40 2.63
CA GLU A 139 -32.38 -15.58 3.94
C GLU A 139 -30.85 -15.61 3.83
N ILE A 140 -30.16 -14.76 4.60
CA ILE A 140 -28.70 -14.66 4.56
C ILE A 140 -28.02 -15.34 5.73
N ALA A 141 -28.77 -16.04 6.60
CA ALA A 141 -28.19 -16.75 7.74
C ALA A 141 -27.62 -18.08 7.26
N THR A 142 -26.61 -17.99 6.41
CA THR A 142 -26.03 -19.11 5.68
C THR A 142 -24.53 -18.94 5.59
N PRO A 143 -23.84 -19.97 5.13
CA PRO A 143 -22.41 -19.80 4.85
C PRO A 143 -22.16 -18.71 3.83
N TYR A 144 -21.00 -18.08 3.96
CA TYR A 144 -20.54 -17.03 3.03
C TYR A 144 -19.74 -17.66 1.90
N ASP A 145 -19.70 -16.94 0.80
CA ASP A 145 -18.78 -17.22 -0.28
C ASP A 145 -17.65 -16.20 -0.22
N SER A 146 -16.42 -16.63 -0.57
CA SER A 146 -15.37 -15.64 -0.77
C SER A 146 -15.76 -14.68 -1.88
N GLN A 147 -15.14 -13.49 -1.90
CA GLN A 147 -15.46 -12.59 -3.00
C GLN A 147 -15.04 -13.17 -4.33
N GLU A 148 -13.91 -13.89 -4.38
CA GLU A 148 -13.49 -14.48 -5.65
C GLU A 148 -14.52 -15.47 -6.17
N VAL A 149 -15.06 -16.31 -5.29
CA VAL A 149 -16.10 -17.27 -5.67
C VAL A 149 -17.36 -16.54 -6.12
N THR A 150 -17.73 -15.48 -5.40
CA THR A 150 -18.92 -14.71 -5.78
C THR A 150 -18.76 -14.13 -7.16
N TYR A 151 -17.61 -13.52 -7.46
CA TYR A 151 -17.36 -12.92 -8.79
C TYR A 151 -17.36 -14.02 -9.85
N ASN A 152 -16.74 -15.17 -9.59
CA ASN A 152 -16.77 -16.24 -10.60
C ASN A 152 -18.20 -16.67 -10.89
N THR A 153 -19.04 -16.69 -9.85
CA THR A 153 -20.44 -17.04 -10.02
C THR A 153 -21.17 -15.98 -10.81
N PHE A 154 -20.91 -14.70 -10.55
CA PHE A 154 -21.51 -13.66 -11.39
C PHE A 154 -21.21 -13.90 -12.86
N PHE A 155 -19.96 -14.24 -13.18
CA PHE A 155 -19.63 -14.49 -14.59
C PHE A 155 -20.39 -15.68 -15.13
N ASP A 156 -20.50 -16.75 -14.35
CA ASP A 156 -21.26 -17.91 -14.80
C ASP A 156 -22.72 -17.55 -15.04
N GLU A 157 -23.32 -16.76 -14.14
CA GLU A 157 -24.72 -16.35 -14.28
C GLU A 157 -24.92 -15.44 -15.49
N LEU A 158 -24.06 -14.43 -15.65
CA LEU A 158 -24.18 -13.57 -16.83
C LEU A 158 -23.97 -14.36 -18.09
N ASN A 159 -22.98 -15.26 -18.10
CA ASN A 159 -22.71 -16.02 -19.31
C ASN A 159 -23.90 -16.89 -19.70
N ALA A 160 -24.57 -17.51 -18.71
CA ALA A 160 -25.73 -18.33 -18.98
C ALA A 160 -26.85 -17.46 -19.55
N ALA A 161 -27.07 -16.30 -18.95
CA ALA A 161 -28.13 -15.42 -19.40
C ALA A 161 -27.85 -14.93 -20.80
N ILE A 162 -26.60 -14.54 -21.06
CA ILE A 162 -26.23 -14.04 -22.39
C ILE A 162 -26.45 -15.14 -23.43
N ALA A 163 -26.08 -16.39 -23.12
CA ALA A 163 -26.31 -17.49 -24.06
C ALA A 163 -27.80 -17.67 -24.30
N THR A 164 -28.62 -17.67 -23.24
CA THR A 164 -30.07 -17.82 -23.41
C THR A 164 -30.64 -16.73 -24.28
N LEU A 165 -30.24 -15.49 -24.00
CA LEU A 165 -30.83 -14.37 -24.71
C LEU A 165 -30.39 -14.36 -26.18
N ASN A 166 -29.11 -14.66 -26.45
CA ASN A 166 -28.66 -14.73 -27.84
C ASN A 166 -29.40 -15.81 -28.62
N GLU A 167 -29.70 -16.95 -27.99
CA GLU A 167 -30.41 -18.04 -28.65
C GLU A 167 -31.85 -17.66 -28.92
N ASN A 168 -32.38 -16.70 -28.18
CA ASN A 168 -33.76 -16.23 -28.29
C ASN A 168 -33.81 -14.75 -28.63
N SER A 169 -32.84 -14.28 -29.42
CA SER A 169 -32.66 -12.84 -29.61
C SER A 169 -33.82 -12.21 -30.37
N ASN A 170 -34.69 -13.03 -30.97
CA ASN A 170 -35.85 -12.55 -31.70
C ASN A 170 -37.11 -12.49 -30.84
N GLU A 171 -37.03 -13.00 -29.62
CA GLU A 171 -38.18 -12.97 -28.73
C GLU A 171 -38.30 -11.60 -28.06
N GLN A 172 -39.44 -11.39 -27.41
CA GLN A 172 -39.70 -10.16 -26.69
C GLN A 172 -40.62 -10.47 -25.51
N LEU A 173 -40.34 -9.84 -24.37
CA LEU A 173 -41.30 -9.89 -23.28
C LEU A 173 -42.44 -8.91 -23.58
N VAL A 174 -43.55 -9.07 -22.89
CA VAL A 174 -44.67 -8.14 -23.06
C VAL A 174 -44.13 -6.80 -22.54
N PRO A 175 -44.56 -5.67 -23.08
CA PRO A 175 -43.96 -4.37 -22.66
C PRO A 175 -43.99 -4.11 -21.16
N THR A 176 -45.06 -4.50 -20.45
CA THR A 176 -45.17 -4.22 -19.01
C THR A 176 -44.41 -5.20 -18.15
N ALA A 177 -43.77 -6.18 -18.75
CA ALA A 177 -42.94 -7.06 -17.97
C ALA A 177 -41.57 -6.48 -17.78
N ASP A 178 -41.30 -5.26 -18.32
CA ASP A 178 -39.94 -4.73 -18.29
C ASP A 178 -39.94 -3.21 -18.47
N TYR A 179 -39.81 -2.50 -17.35
CA TYR A 179 -39.72 -1.04 -17.42
C TYR A 179 -38.29 -0.55 -17.59
N ILE A 180 -37.34 -1.42 -17.86
CA ILE A 180 -36.00 -0.99 -18.24
C ILE A 180 -35.90 -0.84 -19.75
N TYR A 181 -36.23 -1.92 -20.49
CA TYR A 181 -36.02 -1.93 -21.92
C TYR A 181 -37.28 -2.35 -22.68
N LYS A 182 -38.44 -2.34 -22.02
CA LYS A 182 -39.72 -2.60 -22.70
C LYS A 182 -39.73 -3.94 -23.41
N GLY A 183 -39.03 -4.93 -22.85
CA GLY A 183 -39.06 -6.29 -23.35
C GLY A 183 -38.12 -6.57 -24.50
N ASP A 184 -37.25 -5.63 -24.86
CA ASP A 184 -36.33 -5.78 -25.98
C ASP A 184 -35.12 -6.61 -25.54
N VAL A 185 -35.11 -7.88 -25.97
CA VAL A 185 -34.04 -8.79 -25.57
C VAL A 185 -32.69 -8.32 -26.07
N LYS A 186 -32.63 -7.66 -27.23
CA LYS A 186 -31.34 -7.23 -27.80
C LYS A 186 -30.69 -6.18 -26.88
N LYS A 187 -31.49 -5.30 -26.25
CA LYS A 187 -30.96 -4.35 -25.30
C LYS A 187 -30.49 -5.04 -24.03
N TRP A 188 -31.23 -6.05 -23.56
CA TRP A 188 -30.79 -6.81 -22.39
C TRP A 188 -29.47 -7.50 -22.66
N ILE A 189 -29.26 -8.03 -23.87
CA ILE A 189 -27.97 -8.63 -24.21
C ILE A 189 -26.86 -7.59 -24.05
N ARG A 190 -27.07 -6.40 -24.61
CA ARG A 190 -26.05 -5.37 -24.53
C ARG A 190 -25.76 -4.99 -23.07
N PHE A 191 -26.80 -4.83 -22.25
CA PHE A 191 -26.57 -4.53 -20.84
C PHE A 191 -25.86 -5.67 -20.13
N ALA A 192 -26.25 -6.91 -20.39
CA ALA A 192 -25.57 -8.02 -19.74
C ALA A 192 -24.09 -8.07 -20.08
N ASN A 193 -23.73 -7.89 -21.36
CA ASN A 193 -22.32 -7.87 -21.73
C ASN A 193 -21.62 -6.66 -21.13
N SER A 194 -22.30 -5.53 -21.01
CA SER A 194 -21.70 -4.34 -20.42
C SER A 194 -21.40 -4.56 -18.94
N LEU A 195 -22.33 -5.20 -18.22
CA LEU A 195 -22.13 -5.51 -16.82
C LEU A 195 -20.97 -6.52 -16.68
N LYS A 196 -20.95 -7.52 -17.57
CA LYS A 196 -19.82 -8.45 -17.60
C LYS A 196 -18.50 -7.72 -17.77
N LEU A 197 -18.46 -6.73 -18.67
CA LEU A 197 -17.25 -5.93 -18.88
C LEU A 197 -16.88 -5.12 -17.62
N ARG A 198 -17.87 -4.50 -16.97
CA ARG A 198 -17.61 -3.80 -15.72
C ARG A 198 -16.93 -4.72 -14.71
N LEU A 199 -17.49 -5.92 -14.53
CA LEU A 199 -16.96 -6.83 -13.55
C LEU A 199 -15.61 -7.38 -13.97
N ALA A 200 -15.37 -7.56 -15.27
CA ALA A 200 -14.08 -8.02 -15.76
C ALA A 200 -12.98 -7.01 -15.48
N ILE A 201 -13.23 -5.72 -15.74
CA ILE A 201 -12.24 -4.70 -15.41
C ILE A 201 -12.06 -4.61 -13.90
N ARG A 202 -13.13 -4.81 -13.13
CA ARG A 202 -13.03 -4.80 -11.65
C ARG A 202 -11.95 -5.80 -11.20
N ILE A 203 -11.87 -6.98 -11.81
CA ILE A 203 -10.94 -8.03 -11.39
C ILE A 203 -9.62 -8.03 -12.18
N ALA A 204 -9.32 -6.92 -12.89
CA ALA A 204 -8.15 -6.94 -13.76
C ALA A 204 -6.82 -7.04 -13.02
N TYR A 205 -6.76 -6.60 -11.75
CA TYR A 205 -5.55 -6.79 -10.93
C TYR A 205 -5.58 -8.13 -10.21
N ALA A 206 -6.73 -8.54 -9.68
CA ALA A 206 -6.79 -9.72 -8.83
C ALA A 206 -6.73 -11.01 -9.63
N ASN A 207 -7.27 -11.03 -10.84
CA ASN A 207 -7.17 -12.19 -11.72
C ASN A 207 -7.11 -11.76 -13.15
N PRO A 208 -5.92 -11.35 -13.60
CA PRO A 208 -5.78 -10.81 -14.96
C PRO A 208 -6.14 -11.78 -16.05
N VAL A 209 -5.91 -13.09 -15.85
CA VAL A 209 -6.25 -14.06 -16.89
C VAL A 209 -7.76 -14.11 -17.12
N LYS A 210 -8.51 -14.29 -16.05
CA LYS A 210 -9.96 -14.33 -16.14
C LYS A 210 -10.50 -12.98 -16.62
N ALA A 211 -9.92 -11.89 -16.13
CA ALA A 211 -10.38 -10.56 -16.50
C ALA A 211 -10.31 -10.38 -18.01
N GLN A 212 -9.18 -10.77 -18.61
CA GLN A 212 -8.99 -10.58 -20.03
C GLN A 212 -9.99 -11.40 -20.81
N GLN A 213 -10.20 -12.64 -20.38
CA GLN A 213 -11.11 -13.52 -21.09
C GLN A 213 -12.54 -12.97 -21.05
N MET A 214 -12.97 -12.55 -19.87
CA MET A 214 -14.35 -12.06 -19.72
C MET A 214 -14.49 -10.74 -20.48
N ALA A 215 -13.52 -9.83 -20.38
CA ALA A 215 -13.63 -8.56 -21.07
C ALA A 215 -13.71 -8.76 -22.58
N GLU A 216 -12.82 -9.60 -23.12
CA GLU A 216 -12.78 -9.80 -24.56
C GLU A 216 -14.04 -10.49 -25.06
N GLU A 217 -14.57 -11.44 -24.31
CA GLU A 217 -15.84 -12.04 -24.67
C GLU A 217 -16.96 -11.03 -24.67
N ALA A 218 -16.99 -10.12 -23.68
CA ALA A 218 -18.07 -9.18 -23.55
C ALA A 218 -18.19 -8.29 -24.77
N VAL A 219 -17.06 -7.90 -25.40
CA VAL A 219 -17.08 -6.98 -26.51
C VAL A 219 -16.99 -7.68 -27.86
N ASN A 220 -16.84 -8.99 -27.89
CA ASN A 220 -16.82 -9.71 -29.17
C ASN A 220 -18.20 -9.63 -29.81
N PRO A 221 -18.33 -9.11 -31.02
CA PRO A 221 -19.67 -8.95 -31.61
C PRO A 221 -20.45 -10.24 -31.71
N ALA A 222 -19.78 -11.40 -31.74
CA ALA A 222 -20.49 -12.66 -31.82
C ALA A 222 -21.38 -12.86 -30.61
N ASN A 223 -21.14 -12.16 -29.50
CA ASN A 223 -21.92 -12.39 -28.29
C ASN A 223 -22.98 -11.32 -28.09
N GLY A 224 -23.21 -10.46 -29.08
CA GLY A 224 -24.37 -9.59 -29.10
C GLY A 224 -24.11 -8.13 -28.86
N GLY A 225 -22.90 -7.75 -28.43
CA GLY A 225 -22.53 -6.38 -28.27
C GLY A 225 -22.72 -5.85 -26.86
N VAL A 226 -22.17 -4.65 -26.66
CA VAL A 226 -22.29 -3.86 -25.45
C VAL A 226 -23.12 -2.62 -25.72
N ILE A 227 -23.37 -1.81 -24.68
CA ILE A 227 -24.11 -0.56 -24.86
C ILE A 227 -23.21 0.43 -25.55
N GLU A 228 -23.61 0.87 -26.75
CA GLU A 228 -22.85 1.78 -27.59
C GLU A 228 -23.56 3.10 -27.84
N SER A 229 -24.74 3.31 -27.32
CA SER A 229 -25.53 4.50 -27.55
C SER A 229 -26.32 4.81 -26.28
N ASN A 230 -26.58 6.10 -26.08
CA ASN A 230 -27.35 6.51 -24.92
C ASN A 230 -28.76 5.96 -24.96
N ALA A 231 -29.31 5.70 -26.14
CA ALA A 231 -30.64 5.10 -26.20
C ALA A 231 -30.70 3.73 -25.52
N ASP A 232 -29.57 3.08 -25.34
CA ASP A 232 -29.51 1.77 -24.71
C ASP A 232 -28.99 1.82 -23.27
N ASN A 233 -28.86 3.01 -22.69
CA ASN A 233 -28.46 3.11 -21.29
C ASN A 233 -29.43 2.31 -20.42
N ALA A 234 -28.91 1.73 -19.35
CA ALA A 234 -29.72 0.97 -18.40
C ALA A 234 -30.18 1.94 -17.32
N THR A 235 -31.47 2.27 -17.37
CA THR A 235 -32.10 3.21 -16.45
C THR A 235 -33.46 2.69 -16.05
N TRP A 236 -33.92 3.16 -14.90
CA TRP A 236 -35.21 2.76 -14.37
C TRP A 236 -35.93 4.00 -13.85
N ASN A 237 -37.20 4.15 -14.25
CA ASN A 237 -37.98 5.32 -13.84
C ASN A 237 -39.29 4.98 -13.14
N TYR A 238 -39.78 3.74 -13.20
CA TYR A 238 -41.11 3.41 -12.70
C TYR A 238 -41.00 2.95 -11.24
N PHE A 239 -40.81 3.92 -10.36
CA PHE A 239 -40.50 3.64 -8.97
C PHE A 239 -41.68 3.13 -8.15
N GLU A 240 -42.89 3.37 -8.63
CA GLU A 240 -44.16 3.05 -7.97
C GLU A 240 -44.40 3.94 -6.74
N THR A 241 -43.66 5.04 -6.63
CA THR A 241 -43.84 6.02 -5.57
C THR A 241 -44.05 7.42 -6.11
N SER A 242 -43.86 7.62 -7.41
CA SER A 242 -43.90 8.93 -8.11
C SER A 242 -42.65 9.78 -7.97
N GLN A 243 -41.67 9.41 -7.15
CA GLN A 243 -40.56 10.29 -6.88
C GLN A 243 -39.22 9.57 -6.87
N ASN A 244 -38.26 10.16 -7.56
CA ASN A 244 -36.89 9.66 -7.52
C ASN A 244 -36.38 9.72 -6.08
N PRO A 245 -35.86 8.62 -5.54
CA PRO A 245 -35.51 8.60 -4.12
C PRO A 245 -34.26 9.41 -3.79
N ILE A 246 -33.30 9.52 -4.73
CA ILE A 246 -32.14 10.39 -4.52
C ILE A 246 -32.58 11.84 -4.46
N TYR A 247 -33.53 12.24 -5.31
CA TYR A 247 -34.08 13.60 -5.20
C TYR A 247 -34.60 13.83 -3.78
N VAL A 248 -35.46 12.94 -3.29
CA VAL A 248 -36.06 13.17 -1.98
C VAL A 248 -35.01 13.19 -0.88
N ALA A 249 -34.11 12.22 -0.90
CA ALA A 249 -33.13 12.08 0.17
C ALA A 249 -32.20 13.28 0.22
N THR A 250 -31.76 13.76 -0.95
CA THR A 250 -30.87 14.92 -0.94
C THR A 250 -31.57 16.18 -0.47
N ARG A 251 -32.89 16.28 -0.65
CA ARG A 251 -33.67 17.45 -0.29
C ARG A 251 -34.08 17.46 1.18
N TYR A 252 -34.07 16.32 1.88
CA TYR A 252 -34.50 16.35 3.27
C TYR A 252 -33.85 17.46 4.02
N ASN A 253 -34.67 18.22 4.76
CA ASN A 253 -34.22 19.30 5.62
C ASN A 253 -33.73 20.54 4.88
N GLN A 254 -33.98 20.66 3.57
CA GLN A 254 -33.68 21.90 2.86
C GLN A 254 -34.25 23.09 3.62
N VAL A 255 -33.47 24.17 3.69
CA VAL A 255 -33.88 25.35 4.43
C VAL A 255 -35.20 25.85 3.88
N GLN A 256 -36.09 26.24 4.78
CA GLN A 256 -37.42 26.70 4.36
C GLN A 256 -37.40 28.17 3.98
N THR A 257 -38.23 28.52 2.95
CA THR A 257 -38.25 29.84 2.27
C THR A 257 -38.40 30.93 3.28
N SER A 258 -39.30 30.78 4.24
CA SER A 258 -39.50 31.71 5.36
C SER A 258 -38.54 31.34 6.49
N ASP A 259 -37.24 31.57 6.23
CA ASP A 259 -36.09 31.11 7.02
C ASP A 259 -34.81 31.31 6.19
N HIS A 260 -35.01 31.73 4.95
CA HIS A 260 -34.03 31.91 3.89
C HIS A 260 -34.29 33.28 3.27
N GLY A 261 -34.81 34.23 4.07
CA GLY A 261 -35.07 35.58 3.61
C GLY A 261 -36.20 35.76 2.62
N GLY A 262 -37.11 34.79 2.47
CA GLY A 262 -38.22 34.89 1.54
C GLY A 262 -37.96 34.47 0.11
N VAL A 263 -36.79 33.89 -0.23
CA VAL A 263 -36.47 33.32 -1.56
C VAL A 263 -36.24 31.83 -1.27
N PRO A 264 -36.90 30.87 -1.91
CA PRO A 264 -36.63 29.45 -1.64
C PRO A 264 -35.16 29.13 -1.80
N CYS A 265 -34.73 28.11 -1.07
CA CYS A 265 -33.39 27.55 -1.24
C CYS A 265 -33.51 26.40 -2.23
N LEU A 266 -32.50 26.29 -3.10
CA LEU A 266 -32.49 25.32 -4.17
C LEU A 266 -31.40 24.28 -4.02
N THR A 267 -30.60 24.32 -2.96
CA THR A 267 -29.41 23.49 -2.94
C THR A 267 -29.59 22.14 -2.25
N GLY A 268 -30.78 21.82 -1.73
CA GLY A 268 -30.97 20.60 -0.98
C GLY A 268 -30.62 20.76 0.49
N GLY A 269 -30.73 19.64 1.21
CA GLY A 269 -30.64 19.64 2.65
C GLY A 269 -29.55 18.74 3.15
N ASP A 270 -29.88 17.47 3.36
CA ASP A 270 -28.97 16.51 4.00
C ASP A 270 -27.78 16.10 3.18
N THR A 271 -27.79 16.29 1.87
CA THR A 271 -26.66 16.00 1.02
C THR A 271 -26.49 17.14 0.02
N HIS A 272 -25.23 17.57 -0.16
CA HIS A 272 -24.82 18.56 -1.18
C HIS A 272 -23.84 17.93 -2.15
N ALA A 273 -23.53 18.65 -3.23
CA ALA A 273 -22.48 18.21 -4.13
C ALA A 273 -21.12 18.29 -3.44
N ALA A 274 -20.26 17.32 -3.71
CA ALA A 274 -18.92 17.27 -3.13
C ALA A 274 -17.98 18.26 -3.77
N ALA A 275 -17.08 18.75 -2.94
CA ALA A 275 -16.02 19.63 -3.37
C ALA A 275 -15.22 19.03 -4.52
N ASP A 276 -14.88 17.74 -4.39
CA ASP A 276 -13.91 17.06 -5.29
C ASP A 276 -14.30 17.20 -6.76
N ILE A 277 -15.49 16.74 -7.12
CA ILE A 277 -15.90 16.75 -8.52
C ILE A 277 -15.99 18.19 -9.05
N ILE A 278 -16.46 19.11 -8.23
CA ILE A 278 -16.56 20.50 -8.65
C ILE A 278 -15.17 21.12 -8.87
N CYS A 279 -14.14 20.75 -8.09
CA CYS A 279 -12.80 21.28 -8.37
C CYS A 279 -12.29 20.82 -9.73
N TYR A 280 -12.54 19.57 -10.09
CA TYR A 280 -12.14 19.11 -11.42
C TYR A 280 -12.92 19.87 -12.51
N MET A 281 -14.24 19.90 -12.38
CA MET A 281 -15.09 20.43 -13.43
C MET A 281 -14.94 21.94 -13.55
N ASN A 282 -14.73 22.66 -12.46
CA ASN A 282 -14.42 24.08 -12.57
C ASN A 282 -13.10 24.27 -13.31
N GLY A 283 -12.06 23.51 -12.95
CA GLY A 283 -10.80 23.69 -13.62
C GLY A 283 -10.88 23.41 -15.11
N TYR A 284 -11.66 22.41 -15.49
CA TYR A 284 -11.88 22.04 -16.87
C TYR A 284 -12.93 22.92 -17.57
N LYS A 285 -13.49 23.90 -16.89
CA LYS A 285 -14.50 24.77 -17.51
C LYS A 285 -15.59 23.92 -18.17
N ASP A 286 -16.04 22.91 -17.45
CA ASP A 286 -16.86 21.83 -18.01
C ASP A 286 -18.32 22.24 -18.10
N ASN A 287 -18.87 22.20 -19.30
CA ASN A 287 -20.26 22.63 -19.52
C ASN A 287 -21.30 21.64 -18.99
N ARG A 288 -20.89 20.49 -18.45
CA ARG A 288 -21.81 19.65 -17.75
C ARG A 288 -22.14 20.18 -16.36
N ARG A 289 -21.41 21.17 -15.86
CA ARG A 289 -21.65 21.63 -14.49
C ARG A 289 -23.11 22.03 -14.28
N GLU A 290 -23.70 22.81 -15.20
CA GLU A 290 -25.07 23.24 -14.97
C GLU A 290 -26.05 22.09 -15.01
N LYS A 291 -25.67 20.98 -15.66
CA LYS A 291 -26.52 19.80 -15.72
C LYS A 291 -26.42 18.95 -14.46
N PHE A 292 -25.28 19.03 -13.77
CA PHE A 292 -25.03 18.16 -12.64
C PHE A 292 -25.40 18.82 -11.30
N PHE A 293 -25.13 20.13 -11.19
CA PHE A 293 -25.13 20.83 -9.92
C PHE A 293 -26.08 22.01 -9.93
N THR A 294 -26.65 22.32 -8.77
CA THR A 294 -27.25 23.63 -8.60
C THR A 294 -26.16 24.68 -8.33
N LYS A 295 -26.49 25.91 -8.64
CA LYS A 295 -25.57 26.98 -8.33
C LYS A 295 -25.37 27.11 -6.82
N SER A 296 -24.14 27.52 -6.44
CA SER A 296 -23.91 27.79 -5.05
C SER A 296 -24.45 29.23 -4.80
N GLU A 297 -24.59 29.59 -3.52
CA GLU A 297 -25.03 30.95 -3.10
C GLU A 297 -23.81 31.75 -2.64
N TRP A 298 -22.59 31.23 -2.79
CA TRP A 298 -21.42 31.97 -2.36
C TRP A 298 -21.12 33.08 -3.37
N ALA A 299 -20.93 34.28 -2.85
CA ALA A 299 -20.78 35.45 -3.70
C ALA A 299 -19.68 35.24 -4.72
N GLY A 300 -20.03 35.43 -5.99
CA GLY A 300 -19.05 35.37 -7.05
C GLY A 300 -18.65 34.00 -7.53
N GLN A 301 -19.25 32.92 -7.01
CA GLN A 301 -18.83 31.56 -7.34
C GLN A 301 -20.04 30.72 -7.75
N ASP A 302 -20.09 30.33 -9.01
CA ASP A 302 -21.25 29.59 -9.46
C ASP A 302 -21.30 28.18 -8.88
N TYR A 303 -20.16 27.48 -8.79
CA TYR A 303 -20.14 26.08 -8.34
C TYR A 303 -19.07 25.93 -7.27
N VAL A 304 -19.50 25.47 -6.09
CA VAL A 304 -18.61 25.22 -4.96
C VAL A 304 -19.19 24.03 -4.24
N GLY A 305 -18.48 22.92 -4.16
CA GLY A 305 -18.96 21.78 -3.40
C GLY A 305 -18.57 21.88 -1.93
N MET A 306 -19.26 21.09 -1.10
CA MET A 306 -18.91 20.94 0.30
C MET A 306 -17.90 19.82 0.43
N ARG A 307 -16.89 20.02 1.28
CA ARG A 307 -15.88 18.98 1.49
C ARG A 307 -16.47 17.78 2.24
N ARG A 308 -16.00 16.61 1.86
CA ARG A 308 -16.32 15.34 2.48
C ARG A 308 -15.37 15.05 3.63
N GLY A 309 -15.89 14.56 4.74
CA GLY A 309 -15.03 14.23 5.88
C GLY A 309 -14.52 15.45 6.61
N ILE A 310 -15.47 16.24 7.11
CA ILE A 310 -15.23 17.46 7.84
C ILE A 310 -16.10 17.46 9.10
N VAL A 311 -15.90 18.49 9.93
CA VAL A 311 -16.92 18.88 10.91
C VAL A 311 -18.01 19.56 10.07
N ILE A 312 -19.16 18.91 9.97
CA ILE A 312 -20.21 19.38 9.06
C ILE A 312 -20.82 20.66 9.61
N PRO A 313 -20.90 21.74 8.83
CA PRO A 313 -21.44 23.01 9.33
C PRO A 313 -22.95 22.95 9.42
N GLU A 314 -23.49 23.89 10.18
CA GLU A 314 -24.92 24.06 10.22
C GLU A 314 -25.46 24.45 8.84
N LEU A 315 -26.53 23.76 8.44
CA LEU A 315 -27.10 24.01 7.13
C LEU A 315 -27.57 25.46 6.98
N LYS A 316 -28.25 25.99 7.98
CA LYS A 316 -28.88 27.29 7.84
C LYS A 316 -27.91 28.43 7.77
N THR A 317 -26.69 28.27 8.26
CA THR A 317 -25.72 29.35 8.23
C THR A 317 -24.88 29.27 6.96
N THR A 318 -24.06 28.25 6.82
CA THR A 318 -23.25 28.15 5.61
C THR A 318 -23.56 26.92 4.77
N GLY A 319 -24.05 25.81 5.31
CA GLY A 319 -24.11 24.61 4.50
C GLY A 319 -24.99 24.75 3.27
N HIS A 320 -26.07 25.50 3.39
CA HIS A 320 -27.02 25.62 2.31
C HIS A 320 -26.47 26.47 1.16
N LYS A 321 -25.34 27.12 1.37
CA LYS A 321 -24.76 27.96 0.32
C LYS A 321 -23.96 27.16 -0.70
N TYR A 322 -23.56 25.94 -0.37
CA TYR A 322 -22.81 25.14 -1.31
C TYR A 322 -23.72 24.59 -2.39
N SER A 323 -23.13 24.29 -3.55
CA SER A 323 -23.89 23.68 -4.64
C SER A 323 -24.51 22.35 -4.22
N GLY A 324 -25.71 22.14 -4.72
CA GLY A 324 -26.44 20.89 -4.53
C GLY A 324 -26.43 20.01 -5.76
N VAL A 325 -27.10 18.87 -5.61
CA VAL A 325 -27.29 17.90 -6.69
C VAL A 325 -28.45 18.41 -7.55
N ASN A 326 -28.21 18.58 -8.86
CA ASN A 326 -29.27 19.01 -9.78
C ASN A 326 -30.02 17.76 -10.28
N ILE A 327 -31.13 17.44 -9.63
CA ILE A 327 -31.92 16.26 -9.92
C ILE A 327 -33.38 16.66 -9.70
N ALA A 328 -34.29 16.03 -10.39
CA ALA A 328 -35.72 16.31 -10.33
C ALA A 328 -36.47 15.11 -9.76
N PRO A 329 -37.70 15.32 -9.24
CA PRO A 329 -38.45 14.18 -8.71
C PRO A 329 -38.75 13.16 -9.76
N THR A 330 -38.76 13.57 -11.02
CA THR A 330 -39.11 12.63 -12.09
C THR A 330 -37.88 12.02 -12.78
N SER A 331 -36.67 12.37 -12.36
CA SER A 331 -35.45 11.86 -12.95
C SER A 331 -35.39 10.33 -12.88
N PRO A 332 -34.82 9.67 -13.87
CA PRO A 332 -34.56 8.22 -13.72
C PRO A 332 -33.44 7.92 -12.76
N LEU A 333 -33.38 6.66 -12.33
CA LEU A 333 -32.22 6.12 -11.64
C LEU A 333 -31.36 5.42 -12.70
N TYR A 334 -30.08 5.67 -12.66
CA TYR A 334 -29.13 5.06 -13.58
C TYR A 334 -28.55 3.78 -12.99
N TRP A 335 -28.40 2.76 -13.85
CA TRP A 335 -27.64 1.58 -13.52
C TRP A 335 -26.30 1.56 -14.25
N MET A 336 -26.30 1.89 -15.54
CA MET A 336 -25.07 1.92 -16.33
C MET A 336 -25.33 2.72 -17.61
N ASN A 337 -24.36 3.57 -17.99
CA ASN A 337 -24.48 4.36 -19.20
C ASN A 337 -23.44 3.95 -20.24
N ALA A 338 -23.67 4.44 -21.46
CA ALA A 338 -22.81 4.13 -22.60
C ALA A 338 -21.42 4.68 -22.42
N ALA A 339 -21.29 5.87 -21.79
CA ALA A 339 -19.98 6.44 -21.55
C ALA A 339 -19.11 5.47 -20.77
N GLU A 340 -19.68 4.88 -19.69
CA GLU A 340 -18.91 3.94 -18.88
C GLU A 340 -18.34 2.80 -19.73
N VAL A 341 -19.17 2.24 -20.62
CA VAL A 341 -18.72 1.15 -21.47
C VAL A 341 -17.53 1.58 -22.32
N ALA A 342 -17.58 2.78 -22.88
CA ALA A 342 -16.47 3.31 -23.65
C ALA A 342 -15.22 3.42 -22.79
N PHE A 343 -15.34 3.97 -21.58
CA PHE A 343 -14.17 4.12 -20.72
C PHE A 343 -13.65 2.79 -20.19
N LEU A 344 -14.50 1.78 -20.03
CA LEU A 344 -14.05 0.43 -19.68
C LEU A 344 -13.17 -0.13 -20.78
N ARG A 345 -13.59 0.06 -22.03
CA ARG A 345 -12.80 -0.40 -23.16
C ARG A 345 -11.50 0.38 -23.30
N ALA A 346 -11.55 1.69 -23.08
CA ALA A 346 -10.32 2.47 -23.07
C ALA A 346 -9.32 1.95 -22.06
N GLU A 347 -9.79 1.67 -20.83
CA GLU A 347 -8.88 1.17 -19.80
C GLU A 347 -8.38 -0.24 -20.13
N GLY A 348 -9.29 -1.11 -20.55
CA GLY A 348 -8.89 -2.46 -20.92
C GLY A 348 -7.74 -2.44 -21.91
N GLN A 349 -7.86 -1.59 -22.94
CA GLN A 349 -6.82 -1.51 -23.98
C GLN A 349 -5.55 -0.83 -23.45
N ALA A 350 -5.68 0.40 -22.91
CA ALA A 350 -4.55 1.22 -22.58
C ALA A 350 -3.76 0.69 -21.42
N VAL A 351 -4.44 0.15 -20.42
CA VAL A 351 -3.80 -0.18 -19.16
C VAL A 351 -3.49 -1.67 -19.07
N PHE A 352 -4.36 -2.54 -19.62
CA PHE A 352 -4.27 -3.99 -19.43
C PHE A 352 -3.92 -4.74 -20.71
N ASN A 353 -3.83 -4.02 -21.84
CA ASN A 353 -3.51 -4.62 -23.14
CA ASN A 353 -3.51 -4.62 -23.14
C ASN A 353 -4.51 -5.70 -23.56
N PHE A 354 -5.77 -5.50 -23.20
CA PHE A 354 -6.81 -6.37 -23.68
C PHE A 354 -7.26 -5.92 -25.09
N SER A 355 -7.77 -6.87 -25.86
CA SER A 355 -8.27 -6.57 -27.20
C SER A 355 -9.72 -6.15 -27.13
N MET A 356 -9.92 -4.84 -27.10
CA MET A 356 -11.24 -4.27 -26.83
C MET A 356 -11.99 -3.82 -28.08
N GLY A 357 -11.40 -3.98 -29.26
CA GLY A 357 -12.08 -3.71 -30.50
C GLY A 357 -11.79 -2.38 -31.15
N GLY A 358 -10.83 -1.63 -30.63
CA GLY A 358 -10.52 -0.30 -31.13
C GLY A 358 -9.40 0.33 -30.33
N THR A 359 -8.98 1.52 -30.72
CA THR A 359 -7.88 2.14 -29.97
C THR A 359 -8.40 2.80 -28.68
N ALA A 360 -7.53 2.86 -27.68
CA ALA A 360 -7.91 3.53 -26.44
C ALA A 360 -8.34 4.97 -26.68
N GLU A 361 -7.62 5.68 -27.56
CA GLU A 361 -7.98 7.06 -27.85
C GLU A 361 -9.41 7.14 -28.36
N SER A 362 -9.76 6.23 -29.28
CA SER A 362 -11.09 6.25 -29.86
C SER A 362 -12.14 6.06 -28.77
N PHE A 363 -11.91 5.12 -27.85
CA PHE A 363 -12.89 4.86 -26.79
C PHE A 363 -12.98 6.03 -25.81
N TYR A 364 -11.84 6.61 -25.44
CA TYR A 364 -11.85 7.74 -24.52
C TYR A 364 -12.66 8.91 -25.07
N ASN A 365 -12.41 9.26 -26.33
CA ASN A 365 -13.13 10.37 -26.94
C ASN A 365 -14.59 10.01 -27.13
N GLN A 366 -14.90 8.75 -27.43
CA GLN A 366 -16.30 8.36 -27.55
C GLN A 366 -17.00 8.49 -26.21
N GLY A 367 -16.35 8.15 -25.11
CA GLY A 367 -16.98 8.26 -23.81
C GLY A 367 -17.31 9.69 -23.45
N ILE A 368 -16.37 10.60 -23.70
CA ILE A 368 -16.64 12.01 -23.44
C ILE A 368 -17.81 12.48 -24.29
N ARG A 369 -17.79 12.14 -25.58
CA ARG A 369 -18.88 12.57 -26.50
C ARG A 369 -20.22 11.99 -26.03
N LEU A 370 -20.27 10.73 -25.60
CA LEU A 370 -21.51 10.13 -25.10
C LEU A 370 -22.03 10.85 -23.88
N SER A 371 -21.14 11.23 -22.97
CA SER A 371 -21.58 11.90 -21.75
C SER A 371 -22.10 13.30 -22.05
N PHE A 372 -21.39 14.07 -22.87
CA PHE A 372 -21.91 15.41 -23.23
C PHE A 372 -23.28 15.28 -23.91
N GLU A 373 -23.43 14.29 -24.78
CA GLU A 373 -24.71 14.09 -25.44
C GLU A 373 -25.79 13.71 -24.44
N GLN A 374 -25.47 12.77 -23.54
CA GLN A 374 -26.43 12.31 -22.54
C GLN A 374 -27.05 13.48 -21.79
N TRP A 375 -26.22 14.43 -21.35
CA TRP A 375 -26.63 15.54 -20.51
C TRP A 375 -27.03 16.77 -21.31
N GLY A 376 -26.97 16.72 -22.64
CA GLY A 376 -27.34 17.87 -23.47
C GLY A 376 -26.44 19.06 -23.31
N ALA A 377 -25.17 18.83 -23.01
CA ALA A 377 -24.20 19.90 -22.86
C ALA A 377 -23.53 20.22 -24.21
N ASP A 378 -23.35 21.51 -24.50
CA ASP A 378 -22.65 22.00 -25.68
C ASP A 378 -21.14 22.07 -25.41
N GLY A 379 -20.35 22.22 -26.48
CA GLY A 379 -18.94 22.49 -26.34
C GLY A 379 -18.03 21.29 -26.28
N VAL A 380 -18.51 20.12 -26.66
CA VAL A 380 -17.67 18.94 -26.49
C VAL A 380 -16.39 19.03 -27.32
N GLU A 381 -16.44 19.68 -28.48
CA GLU A 381 -15.28 19.66 -29.37
C GLU A 381 -14.12 20.44 -28.75
N ASP A 382 -14.40 21.59 -28.14
CA ASP A 382 -13.34 22.32 -27.47
C ASP A 382 -12.84 21.54 -26.26
N TYR A 383 -13.76 20.89 -25.54
CA TYR A 383 -13.38 20.12 -24.37
C TYR A 383 -12.40 19.00 -24.73
N LEU A 384 -12.71 18.25 -25.80
CA LEU A 384 -11.88 17.13 -26.21
C LEU A 384 -10.46 17.52 -26.52
N LYS A 385 -10.24 18.75 -26.98
CA LYS A 385 -8.94 19.27 -27.39
C LYS A 385 -8.22 20.02 -26.32
N ASP A 386 -8.77 20.10 -25.13
CA ASP A 386 -8.20 20.94 -24.08
C ASP A 386 -7.00 20.25 -23.43
N ASP A 387 -5.81 20.74 -23.79
CA ASP A 387 -4.55 20.22 -23.27
C ASP A 387 -3.88 21.20 -22.33
N VAL A 388 -4.65 22.10 -21.73
CA VAL A 388 -4.11 23.15 -20.89
C VAL A 388 -4.75 23.21 -19.51
N ASN A 389 -6.08 23.22 -19.44
CA ASN A 389 -6.73 23.49 -18.17
C ASN A 389 -6.65 22.33 -17.18
N LYS A 390 -6.40 22.63 -15.92
CA LYS A 390 -6.18 21.65 -14.87
C LYS A 390 -7.21 21.76 -13.78
N PRO A 391 -7.45 20.66 -13.04
CA PRO A 391 -8.27 20.73 -11.83
C PRO A 391 -7.77 21.80 -10.88
N THR A 392 -8.71 22.42 -10.15
CA THR A 392 -8.36 23.43 -9.16
C THR A 392 -7.98 22.79 -7.81
N ALA A 393 -7.46 23.62 -6.92
CA ALA A 393 -7.43 23.35 -5.49
C ALA A 393 -8.80 23.65 -4.90
N TYR A 394 -8.98 23.41 -3.61
CA TYR A 394 -10.26 23.67 -2.94
C TYR A 394 -10.09 24.82 -1.96
N THR A 395 -10.45 26.02 -2.38
CA THR A 395 -10.49 27.18 -1.49
C THR A 395 -11.91 27.25 -0.93
N ASP A 396 -12.08 26.84 0.32
CA ASP A 396 -13.41 26.83 0.94
C ASP A 396 -13.82 28.27 1.16
N PRO A 397 -14.93 28.75 0.60
CA PRO A 397 -15.31 30.16 0.87
C PRO A 397 -15.55 30.41 2.35
N ALA A 398 -15.93 29.39 3.12
CA ALA A 398 -16.11 29.56 4.57
C ALA A 398 -14.78 29.70 5.28
N GLY A 399 -13.67 29.36 4.62
CA GLY A 399 -12.35 29.43 5.19
C GLY A 399 -12.01 28.41 6.24
N THR A 400 -12.88 27.45 6.52
CA THR A 400 -12.62 26.46 7.54
C THR A 400 -11.96 25.22 7.00
N ASN A 401 -12.34 24.78 5.78
CA ASN A 401 -11.95 23.46 5.30
C ASN A 401 -11.26 23.49 3.95
N THR A 402 -10.51 24.53 3.69
CA THR A 402 -9.64 24.58 2.51
C THR A 402 -8.68 23.42 2.42
N TYR A 403 -8.44 23.00 1.19
CA TYR A 403 -7.37 22.08 0.84
C TYR A 403 -6.60 22.77 -0.28
N GLN A 404 -5.41 23.24 0.06
CA GLN A 404 -4.64 24.14 -0.78
C GLN A 404 -3.97 23.56 -2.00
N ASN A 405 -3.97 22.27 -2.23
CA ASN A 405 -3.27 21.71 -3.37
C ASN A 405 -4.25 21.45 -4.51
N ALA A 406 -3.81 21.71 -5.74
CA ALA A 406 -4.59 21.26 -6.90
C ALA A 406 -4.80 19.74 -6.80
N LEU A 407 -6.01 19.26 -7.12
CA LEU A 407 -6.30 17.85 -6.87
C LEU A 407 -5.49 16.95 -7.78
N SER A 408 -5.17 17.40 -8.99
CA SER A 408 -4.32 16.71 -9.95
C SER A 408 -3.90 17.76 -10.97
N ASN A 409 -2.88 17.43 -11.75
CA ASN A 409 -2.51 18.25 -12.88
C ASN A 409 -2.97 17.65 -14.21
N ILE A 410 -3.79 16.60 -14.19
CA ILE A 410 -4.15 15.88 -15.42
C ILE A 410 -5.06 16.76 -16.30
N THR A 411 -4.71 16.88 -17.58
CA THR A 411 -5.51 17.61 -18.55
C THR A 411 -6.40 16.62 -19.34
N ILE A 412 -7.37 17.17 -20.06
CA ILE A 412 -8.39 16.36 -20.74
C ILE A 412 -7.83 15.65 -21.99
N LYS A 413 -7.17 16.38 -22.89
CA LYS A 413 -6.95 15.85 -24.23
C LYS A 413 -6.15 14.56 -24.14
N TRP A 414 -6.60 13.56 -24.88
CA TRP A 414 -5.91 12.26 -24.87
C TRP A 414 -4.44 12.43 -25.27
N ASN A 415 -3.55 11.80 -24.52
CA ASN A 415 -2.11 11.79 -24.83
C ASN A 415 -1.75 10.33 -25.04
N ASP A 416 -1.66 9.89 -26.30
CA ASP A 416 -1.35 8.50 -26.55
C ASP A 416 0.11 8.13 -26.23
N SER A 417 0.94 9.13 -25.99
CA SER A 417 2.33 8.92 -25.62
CA SER A 417 2.32 8.94 -25.63
C SER A 417 2.51 8.69 -24.13
N ALA A 418 1.49 8.92 -23.31
CA ALA A 418 1.60 8.87 -21.88
C ALA A 418 1.86 7.45 -21.42
N ASP A 419 2.43 7.35 -20.23
CA ASP A 419 2.59 6.05 -19.60
C ASP A 419 1.27 5.51 -19.09
N LYS A 420 1.26 4.22 -18.71
CA LYS A 420 0.00 3.57 -18.34
C LYS A 420 -0.67 4.24 -17.14
N GLU A 421 0.12 4.72 -16.16
CA GLU A 421 -0.43 5.35 -14.97
C GLU A 421 -1.16 6.64 -15.31
N GLU A 422 -0.55 7.46 -16.17
CA GLU A 422 -1.22 8.67 -16.62
C GLU A 422 -2.45 8.34 -17.45
N LYS A 423 -2.35 7.36 -18.36
CA LYS A 423 -3.53 6.98 -19.13
C LYS A 423 -4.66 6.52 -18.23
N GLN A 424 -4.35 5.72 -17.21
CA GLN A 424 -5.37 5.26 -16.30
C GLN A 424 -6.02 6.43 -15.57
N GLU A 425 -5.20 7.36 -15.08
CA GLU A 425 -5.74 8.51 -14.39
C GLU A 425 -6.69 9.29 -15.29
N ARG A 426 -6.25 9.59 -16.50
CA ARG A 426 -7.07 10.38 -17.42
C ARG A 426 -8.40 9.66 -17.71
N ILE A 427 -8.36 8.36 -17.98
CA ILE A 427 -9.58 7.61 -18.25
C ILE A 427 -10.52 7.67 -17.05
N ILE A 428 -9.99 7.35 -15.86
CA ILE A 428 -10.84 7.27 -14.68
C ILE A 428 -11.42 8.63 -14.34
N VAL A 429 -10.66 9.71 -14.49
CA VAL A 429 -11.22 11.04 -14.21
C VAL A 429 -12.44 11.27 -15.08
N GLN A 430 -12.34 11.03 -16.38
CA GLN A 430 -13.48 11.31 -17.26
C GLN A 430 -14.61 10.31 -17.04
N LYS A 431 -14.28 9.06 -16.75
CA LYS A 431 -15.30 8.06 -16.41
C LYS A 431 -16.05 8.47 -15.14
N TRP A 432 -15.30 8.97 -14.17
CA TRP A 432 -15.85 9.43 -12.91
C TRP A 432 -16.80 10.60 -13.14
N ILE A 433 -16.37 11.61 -13.90
CA ILE A 433 -17.28 12.71 -14.19
C ILE A 433 -18.55 12.18 -14.86
N ALA A 434 -18.37 11.33 -15.89
CA ALA A 434 -19.54 10.85 -16.63
C ALA A 434 -20.45 9.96 -15.79
N ASN A 435 -19.96 9.39 -14.70
CA ASN A 435 -20.75 8.55 -13.81
C ASN A 435 -21.32 9.28 -12.64
N TRP A 436 -21.39 10.61 -12.71
CA TRP A 436 -22.10 11.42 -11.73
C TRP A 436 -23.39 10.73 -11.28
N GLN A 437 -23.51 10.59 -9.97
CA GLN A 437 -24.61 9.99 -9.18
C GLN A 437 -24.42 8.50 -8.92
N LEU A 438 -23.56 7.80 -9.68
CA LEU A 438 -23.31 6.35 -9.49
C LEU A 438 -22.16 6.18 -8.50
N GLY A 439 -22.41 6.60 -7.26
CA GLY A 439 -21.36 6.69 -6.28
C GLY A 439 -20.77 5.35 -5.89
N ASN A 440 -21.59 4.29 -5.81
CA ASN A 440 -21.00 3.00 -5.50
C ASN A 440 -20.03 2.56 -6.57
N GLU A 441 -20.30 2.89 -7.83
CA GLU A 441 -19.38 2.51 -8.90
C GLU A 441 -18.10 3.32 -8.81
N ALA A 442 -18.23 4.63 -8.58
CA ALA A 442 -17.07 5.50 -8.39
C ALA A 442 -16.19 5.04 -7.23
N TRP A 443 -16.83 4.63 -6.15
CA TRP A 443 -16.12 4.12 -4.97
C TRP A 443 -15.33 2.87 -5.30
N ALA A 444 -15.93 1.96 -6.06
CA ALA A 444 -15.21 0.77 -6.52
C ALA A 444 -14.01 1.14 -7.35
N ASP A 445 -14.21 2.02 -8.36
CA ASP A 445 -13.09 2.45 -9.17
C ASP A 445 -11.99 3.15 -8.37
N PHE A 446 -12.35 3.95 -7.38
CA PHE A 446 -11.35 4.64 -6.59
C PHE A 446 -10.54 3.64 -5.78
N ARG A 447 -11.20 2.67 -5.16
CA ARG A 447 -10.49 1.65 -4.39
C ARG A 447 -9.60 0.82 -5.30
N ARG A 448 -10.06 0.49 -6.50
CA ARG A 448 -9.26 -0.35 -7.38
C ARG A 448 -8.04 0.38 -7.91
N THR A 449 -8.23 1.63 -8.38
CA THR A 449 -7.23 2.32 -9.16
C THR A 449 -6.47 3.41 -8.43
N GLY A 450 -7.06 3.97 -7.37
CA GLY A 450 -6.58 5.17 -6.77
C GLY A 450 -6.98 6.46 -7.44
N TYR A 451 -7.83 6.41 -8.45
CA TYR A 451 -8.25 7.58 -9.19
C TYR A 451 -9.76 7.75 -9.10
N PRO A 452 -10.24 8.98 -9.27
CA PRO A 452 -9.44 10.21 -9.34
C PRO A 452 -8.75 10.48 -8.02
N LYS A 453 -7.75 11.37 -8.07
CA LYS A 453 -7.07 11.88 -6.84
C LYS A 453 -8.06 12.84 -6.16
N LEU A 454 -8.47 12.55 -4.97
CA LEU A 454 -9.51 13.24 -4.24
C LEU A 454 -8.89 14.14 -3.18
N ILE A 455 -9.75 14.88 -2.50
CA ILE A 455 -9.34 15.70 -1.36
C ILE A 455 -9.31 14.78 -0.13
N PRO A 456 -8.22 14.67 0.59
CA PRO A 456 -8.21 13.76 1.74
C PRO A 456 -9.22 14.18 2.80
N VAL A 457 -9.69 13.21 3.57
CA VAL A 457 -10.55 13.53 4.72
C VAL A 457 -9.76 14.34 5.73
N LYS A 458 -10.44 15.33 6.31
CA LYS A 458 -9.86 16.15 7.35
C LYS A 458 -10.27 15.70 8.75
N GLU A 459 -11.55 15.51 8.97
CA GLU A 459 -12.09 15.09 10.25
C GLU A 459 -12.32 13.58 10.16
N ASN A 460 -11.26 12.84 10.44
CA ASN A 460 -11.23 11.39 10.37
C ASN A 460 -11.61 10.86 11.75
N LYS A 461 -12.83 10.36 11.88
CA LYS A 461 -13.37 9.93 13.15
C LYS A 461 -13.19 8.43 13.40
N SER A 462 -12.28 7.76 12.68
CA SER A 462 -12.10 6.33 12.81
C SER A 462 -11.21 5.92 13.96
N GLY A 463 -10.73 6.82 14.78
CA GLY A 463 -9.86 6.44 15.88
C GLY A 463 -8.57 5.84 15.43
N GLY A 464 -8.06 6.30 14.30
CA GLY A 464 -6.75 5.89 13.80
C GLY A 464 -6.75 4.67 12.91
N VAL A 465 -7.90 4.17 12.53
CA VAL A 465 -8.03 2.93 11.78
C VAL A 465 -7.97 3.16 10.27
N VAL A 466 -8.74 4.12 9.79
CA VAL A 466 -8.90 4.34 8.34
C VAL A 466 -7.94 5.45 7.92
N ASP A 467 -7.31 5.30 6.77
CA ASP A 467 -6.38 6.29 6.25
C ASP A 467 -7.14 7.42 5.55
N SER A 468 -6.74 8.65 5.82
CA SER A 468 -7.48 9.81 5.29
C SER A 468 -7.40 9.95 3.78
N GLU A 469 -6.40 9.34 3.13
CA GLU A 469 -6.26 9.37 1.69
C GLU A 469 -6.91 8.15 1.05
N LYS A 470 -6.58 6.95 1.55
CA LYS A 470 -7.13 5.74 0.95
C LYS A 470 -8.62 5.60 1.25
N GLY A 471 -9.08 6.16 2.37
CA GLY A 471 -10.47 6.20 2.75
C GLY A 471 -11.03 4.83 3.06
N ALA A 472 -12.37 4.81 3.08
CA ALA A 472 -13.08 3.58 3.44
C ALA A 472 -12.81 2.53 2.37
N ARG A 473 -12.42 1.35 2.80
CA ARG A 473 -12.10 0.24 1.87
C ARG A 473 -13.22 -0.77 1.77
N ARG A 474 -14.15 -0.77 2.72
CA ARG A 474 -15.30 -1.65 2.82
C ARG A 474 -16.15 -1.12 3.97
N MET A 475 -17.38 -1.67 4.08
CA MET A 475 -18.19 -1.55 5.28
C MET A 475 -17.89 -2.69 6.22
N PRO A 476 -17.99 -2.44 7.54
CA PRO A 476 -17.88 -3.54 8.52
C PRO A 476 -19.12 -4.42 8.42
N TYR A 477 -18.98 -5.68 8.84
CA TYR A 477 -20.14 -6.57 8.79
C TYR A 477 -21.24 -6.08 9.74
N PRO A 478 -22.51 -6.30 9.37
CA PRO A 478 -23.63 -5.96 10.27
C PRO A 478 -23.46 -6.60 11.62
N LEU A 479 -23.78 -5.83 12.66
CA LEU A 479 -23.74 -6.39 14.02
C LEU A 479 -24.65 -7.60 14.14
N ASP A 480 -25.81 -7.59 13.47
CA ASP A 480 -26.71 -8.71 13.63
C ASP A 480 -26.14 -10.02 13.10
N GLU A 481 -25.16 -9.98 12.18
CA GLU A 481 -24.62 -11.26 11.71
C GLU A 481 -23.98 -12.04 12.84
N PHE A 482 -23.45 -11.36 13.85
CA PHE A 482 -22.86 -12.05 15.01
C PHE A 482 -23.90 -12.59 15.98
N VAL A 483 -25.16 -12.19 15.82
CA VAL A 483 -26.28 -12.64 16.64
C VAL A 483 -27.02 -13.79 15.95
N SER A 484 -27.33 -13.64 14.67
CA SER A 484 -28.15 -14.58 13.94
C SER A 484 -27.36 -15.51 13.03
N ASN A 485 -26.07 -15.28 12.86
CA ASN A 485 -25.28 -16.01 11.88
C ASN A 485 -23.83 -16.07 12.30
N LYS A 486 -23.57 -16.25 13.60
CA LYS A 486 -22.22 -16.06 14.14
C LYS A 486 -21.18 -16.95 13.50
N ALA A 487 -21.45 -18.25 13.44
CA ALA A 487 -20.41 -19.14 12.98
C ALA A 487 -20.02 -18.81 11.55
N ASN A 488 -20.99 -18.48 10.70
CA ASN A 488 -20.71 -18.22 9.28
C ASN A 488 -20.00 -16.89 9.09
N VAL A 489 -20.41 -15.81 9.78
CA VAL A 489 -19.68 -14.56 9.61
C VAL A 489 -18.26 -14.67 10.18
N GLU A 490 -18.09 -15.34 11.32
CA GLU A 490 -16.75 -15.48 11.89
C GLU A 490 -15.86 -16.33 11.00
N TYR A 491 -16.42 -17.36 10.37
CA TYR A 491 -15.67 -18.15 9.41
C TYR A 491 -15.21 -17.28 8.25
N ALA A 492 -16.11 -16.45 7.74
CA ALA A 492 -15.73 -15.55 6.63
C ALA A 492 -14.61 -14.62 7.03
N ILE A 493 -14.68 -14.04 8.23
CA ILE A 493 -13.62 -13.15 8.68
C ILE A 493 -12.29 -13.89 8.77
N ALA A 494 -12.32 -15.11 9.32
CA ALA A 494 -11.10 -15.86 9.57
C ALA A 494 -10.49 -16.45 8.31
N ASN A 495 -11.29 -16.67 7.27
CA ASN A 495 -10.83 -17.39 6.09
C ASN A 495 -10.82 -16.59 4.79
N TYR A 496 -11.82 -15.72 4.60
CA TYR A 496 -12.01 -15.06 3.30
C TYR A 496 -11.71 -13.57 3.32
N LEU A 497 -11.79 -12.92 4.46
CA LEU A 497 -11.64 -11.47 4.49
C LEU A 497 -10.18 -11.00 4.41
N HIS A 498 -9.25 -11.77 4.97
CA HIS A 498 -7.82 -11.45 4.90
C HIS A 498 -7.49 -10.11 5.57
N GLY A 499 -8.15 -9.84 6.67
CA GLY A 499 -7.88 -8.65 7.45
C GLY A 499 -8.97 -8.48 8.49
N ALA A 500 -8.81 -7.47 9.33
CA ALA A 500 -9.79 -7.21 10.38
C ALA A 500 -11.14 -6.80 9.79
N ASP A 501 -12.21 -7.12 10.52
CA ASP A 501 -13.56 -6.70 10.12
C ASP A 501 -13.79 -5.24 10.49
N ASN A 502 -13.26 -4.35 9.66
CA ASN A 502 -13.40 -2.92 9.82
C ASN A 502 -13.36 -2.27 8.45
N MET A 503 -13.36 -0.94 8.44
CA MET A 503 -13.44 -0.20 7.18
C MET A 503 -12.09 -0.06 6.48
N ALA A 504 -10.99 -0.47 7.11
CA ALA A 504 -9.66 -0.33 6.53
C ALA A 504 -9.25 -1.53 5.66
N THR A 505 -9.90 -2.68 5.81
CA THR A 505 -9.49 -3.88 5.10
C THR A 505 -9.97 -3.84 3.66
N ASP A 506 -9.07 -4.11 2.72
CA ASP A 506 -9.45 -4.16 1.33
C ASP A 506 -10.24 -5.41 0.99
N VAL A 507 -11.16 -5.26 0.04
CA VAL A 507 -11.81 -6.41 -0.56
C VAL A 507 -10.84 -7.07 -1.54
N TRP A 508 -11.14 -8.31 -1.92
CA TRP A 508 -10.25 -9.14 -2.73
C TRP A 508 -9.85 -8.46 -4.04
N TRP A 509 -10.78 -7.81 -4.75
CA TRP A 509 -10.39 -7.27 -6.06
C TRP A 509 -9.52 -6.02 -5.94
N ALA A 510 -9.41 -5.42 -4.77
CA ALA A 510 -8.64 -4.19 -4.60
C ALA A 510 -7.17 -4.51 -4.30
N SER A 511 -6.48 -5.03 -5.32
CA SER A 511 -5.11 -5.55 -5.15
C SER A 511 -4.06 -4.85 -6.01
N LYS A 512 -4.34 -3.67 -6.53
CA LYS A 512 -3.30 -2.90 -7.25
C LYS A 512 -2.14 -2.60 -6.31
N LYS A 513 -0.92 -2.78 -6.82
CA LYS A 513 0.26 -2.50 -5.99
C LYS A 513 0.54 -1.00 -5.80
N GLY B 17 33.55 20.37 -11.82
CA GLY B 17 33.19 21.65 -11.23
C GLY B 17 31.77 22.14 -11.38
N TYR B 18 31.14 21.91 -12.55
CA TYR B 18 29.82 22.44 -12.85
C TYR B 18 28.80 21.36 -13.16
N ALA B 19 29.16 20.10 -13.06
CA ALA B 19 28.22 19.00 -13.27
C ALA B 19 28.56 17.94 -12.25
N LEU B 20 27.57 17.13 -11.89
CA LEU B 20 27.78 16.13 -10.84
C LEU B 20 28.79 15.09 -11.30
N GLY B 21 28.71 14.66 -12.55
CA GLY B 21 29.53 13.54 -12.97
C GLY B 21 29.19 12.32 -12.17
N SER B 22 30.22 11.74 -11.53
CA SER B 22 30.07 10.57 -10.69
C SER B 22 29.95 10.91 -9.21
N ALA B 23 29.92 12.19 -8.81
CA ALA B 23 30.06 12.49 -7.39
C ALA B 23 28.90 11.93 -6.56
N MET B 24 27.67 12.00 -7.06
CA MET B 24 26.54 11.50 -6.26
C MET B 24 26.63 9.98 -6.13
N ASN B 25 27.01 9.31 -7.22
CA ASN B 25 27.15 7.86 -7.15
C ASN B 25 28.30 7.46 -6.26
N ASN B 26 29.36 8.27 -6.22
CA ASN B 26 30.45 8.01 -5.28
C ASN B 26 29.95 8.11 -3.85
N LEU B 27 29.07 9.08 -3.54
CA LEU B 27 28.45 9.17 -2.22
C LEU B 27 27.63 7.91 -1.95
N ALA B 28 26.80 7.51 -2.92
CA ALA B 28 25.93 6.35 -2.74
C ALA B 28 26.74 5.11 -2.45
N GLY B 29 27.97 5.01 -3.02
CA GLY B 29 28.82 3.87 -2.75
C GLY B 29 29.42 3.84 -1.37
N CYS B 30 29.14 4.85 -0.53
CA CYS B 30 29.61 4.88 0.85
C CYS B 30 28.57 4.33 1.84
N VAL B 31 27.36 3.99 1.37
CA VAL B 31 26.32 3.46 2.23
C VAL B 31 26.61 1.99 2.44
N VAL B 32 26.32 1.14 1.47
CA VAL B 32 26.77 -0.25 1.45
C VAL B 32 27.81 -0.34 0.34
N SER B 33 29.08 -0.53 0.70
CA SER B 33 30.15 -0.37 -0.27
C SER B 33 30.08 -1.42 -1.36
N PRO B 34 30.22 -1.02 -2.63
CA PRO B 34 30.39 -2.01 -3.70
C PRO B 34 31.75 -2.65 -3.71
N ASP B 35 32.69 -2.16 -2.91
CA ASP B 35 34.03 -2.71 -2.83
C ASP B 35 34.05 -3.90 -1.87
N VAL B 36 34.45 -5.07 -2.36
CA VAL B 36 34.40 -6.27 -1.54
C VAL B 36 35.28 -6.13 -0.30
N ASN B 37 36.44 -5.49 -0.44
CA ASN B 37 37.38 -5.35 0.68
C ASN B 37 36.86 -4.46 1.80
N THR B 38 35.78 -3.74 1.55
CA THR B 38 35.11 -2.95 2.57
C THR B 38 33.85 -3.65 3.06
N ALA B 39 32.97 -4.04 2.13
CA ALA B 39 31.71 -4.67 2.51
C ALA B 39 31.90 -5.98 3.21
N GLN B 40 32.98 -6.71 2.91
CA GLN B 40 33.18 -7.96 3.64
C GLN B 40 33.20 -7.67 5.14
N PHE B 41 33.90 -6.59 5.54
CA PHE B 41 34.03 -6.26 6.94
C PHE B 41 32.79 -5.58 7.50
N THR B 42 32.20 -4.61 6.79
CA THR B 42 31.06 -3.89 7.36
C THR B 42 29.82 -4.78 7.45
N ASP B 43 29.58 -5.54 6.39
CA ASP B 43 28.30 -6.27 6.24
C ASP B 43 28.41 -7.78 6.38
N CYS B 44 29.51 -8.41 5.98
CA CYS B 44 29.54 -9.87 6.05
C CYS B 44 30.09 -10.40 7.37
N LEU B 45 31.09 -9.71 7.96
CA LEU B 45 31.74 -10.15 9.19
C LEU B 45 31.27 -9.38 10.42
N LEU B 46 30.77 -8.16 10.24
CA LEU B 46 30.23 -7.33 11.34
C LEU B 46 28.71 -7.43 11.31
N GLY B 47 28.05 -6.78 10.34
CA GLY B 47 26.61 -6.66 10.43
C GLY B 47 25.88 -7.98 10.40
N GLY B 48 26.23 -8.84 9.46
CA GLY B 48 25.49 -10.08 9.27
C GLY B 48 25.46 -10.94 10.52
N PRO B 49 26.63 -11.22 11.11
CA PRO B 49 26.62 -12.05 12.32
C PRO B 49 26.00 -11.35 13.52
N LEU B 50 26.28 -10.05 13.70
CA LEU B 50 25.74 -9.38 14.88
C LEU B 50 24.23 -9.14 14.77
N GLY B 51 23.69 -9.18 13.56
CA GLY B 51 22.27 -9.11 13.33
C GLY B 51 21.55 -10.44 13.27
N GLY B 52 22.24 -11.56 13.44
CA GLY B 52 21.64 -12.88 13.46
C GLY B 52 21.33 -13.49 12.13
N TYR B 53 21.92 -12.95 11.05
CA TYR B 53 21.69 -13.43 9.69
C TYR B 53 22.77 -14.37 9.16
N PHE B 54 24.03 -14.06 9.43
CA PHE B 54 25.18 -14.72 8.84
C PHE B 54 26.03 -15.34 9.94
N ALA B 55 26.80 -16.37 9.56
CA ALA B 55 27.73 -17.03 10.47
C ALA B 55 29.09 -17.15 9.80
N ASP B 56 30.13 -16.77 10.55
CA ASP B 56 31.50 -16.95 10.11
C ASP B 56 31.81 -18.43 9.95
N SER B 57 32.49 -18.79 8.84
CA SER B 57 32.61 -20.22 8.53
C SER B 57 33.95 -20.55 7.87
N ASN B 58 35.00 -19.85 8.22
CA ASN B 58 36.36 -20.26 7.92
C ASN B 58 36.99 -20.68 9.24
N ALA B 59 37.43 -21.94 9.35
CA ALA B 59 37.96 -22.39 10.63
C ALA B 59 39.20 -21.65 11.05
N GLY B 60 39.93 -21.06 10.13
CA GLY B 60 41.08 -20.21 10.44
C GLY B 60 40.74 -18.88 11.05
N PHE B 61 39.45 -18.51 11.08
CA PHE B 61 39.01 -17.28 11.72
C PHE B 61 38.96 -17.50 13.21
N THR B 62 40.15 -17.57 13.85
CA THR B 62 40.19 -17.78 15.28
C THR B 62 39.94 -16.51 16.08
N GLU B 63 39.99 -15.35 15.44
CA GLU B 63 39.70 -14.05 16.02
C GLU B 63 38.63 -13.40 15.15
N THR B 64 37.46 -13.15 15.73
CA THR B 64 36.32 -12.66 14.95
C THR B 64 35.55 -11.62 15.76
N ILE B 65 34.70 -10.85 15.06
CA ILE B 65 33.77 -9.98 15.74
C ILE B 65 32.73 -10.83 16.47
N SER B 66 32.23 -11.90 15.82
CA SER B 66 31.13 -12.70 16.33
C SER B 66 31.50 -13.50 17.58
N ASN B 67 32.78 -13.81 17.78
CA ASN B 67 33.25 -14.48 18.97
C ASN B 67 33.78 -13.47 19.99
N PHE B 68 33.74 -12.18 19.68
CA PHE B 68 34.08 -11.10 20.59
C PHE B 68 35.58 -10.96 20.86
N ASN B 69 36.43 -11.43 19.96
CA ASN B 69 37.87 -11.18 20.05
C ASN B 69 38.40 -10.64 18.73
N PRO B 70 37.78 -9.62 18.14
CA PRO B 70 38.22 -9.19 16.81
C PRO B 70 39.56 -8.49 16.82
N LYS B 71 40.31 -8.72 15.75
CA LYS B 71 41.46 -7.88 15.44
C LYS B 71 40.97 -6.48 15.06
N ASP B 72 41.83 -5.50 15.32
CA ASP B 72 41.55 -4.12 14.94
C ASP B 72 41.16 -4.02 13.48
N ASP B 73 41.82 -4.79 12.60
CA ASP B 73 41.54 -4.64 11.18
C ASP B 73 40.14 -5.13 10.78
N TRP B 74 39.49 -5.93 11.62
CA TRP B 74 38.08 -6.28 11.36
C TRP B 74 37.13 -5.22 11.91
N SER B 75 37.34 -4.75 13.14
CA SER B 75 36.36 -3.91 13.81
C SER B 75 36.42 -2.43 13.41
N ARG B 76 37.56 -1.96 12.88
CA ARG B 76 37.79 -0.53 12.67
C ARG B 76 37.17 0.03 11.40
N VAL B 77 36.74 -0.83 10.49
CA VAL B 77 36.55 -0.45 9.08
C VAL B 77 35.59 0.71 8.89
N PHE B 78 34.47 0.76 9.60
CA PHE B 78 33.55 1.85 9.38
C PHE B 78 34.24 3.22 9.57
N LEU B 79 35.15 3.35 10.55
CA LEU B 79 35.84 4.63 10.80
C LEU B 79 37.14 4.79 10.03
N LYS B 80 37.78 3.71 9.61
CA LYS B 80 39.12 3.80 9.07
C LYS B 80 39.24 3.49 7.59
N SER B 81 38.23 2.93 6.97
CA SER B 81 38.35 2.64 5.55
C SER B 81 38.34 3.93 4.77
N ASP B 82 39.28 4.08 3.86
CA ASP B 82 39.23 5.26 3.01
C ASP B 82 38.09 5.23 2.00
N LYS B 83 37.43 4.08 1.86
CA LYS B 83 36.28 3.98 0.97
C LYS B 83 34.98 4.43 1.63
N ILE B 84 35.01 4.83 2.91
CA ILE B 84 33.79 5.26 3.57
C ILE B 84 33.91 6.74 3.87
N ILE B 85 34.46 7.13 5.00
CA ILE B 85 34.39 8.55 5.38
C ILE B 85 35.18 9.47 4.45
N PRO B 86 36.44 9.17 4.10
CA PRO B 86 37.17 10.06 3.17
C PRO B 86 36.47 10.18 1.84
N THR B 87 35.99 9.07 1.29
CA THR B 87 35.27 9.13 0.03
C THR B 87 33.99 9.94 0.16
N LEU B 88 33.24 9.72 1.23
CA LEU B 88 31.98 10.42 1.41
C LEU B 88 32.20 11.91 1.47
N TYR B 89 33.09 12.36 2.36
CA TYR B 89 33.26 13.79 2.56
C TYR B 89 33.95 14.46 1.37
N SER B 90 34.88 13.79 0.71
CA SER B 90 35.48 14.37 -0.49
CA SER B 90 35.48 14.36 -0.49
C SER B 90 34.43 14.58 -1.57
N ASN B 91 33.50 13.62 -1.73
CA ASN B 91 32.45 13.81 -2.72
C ASN B 91 31.36 14.77 -2.24
N LEU B 92 31.14 14.88 -0.93
CA LEU B 92 30.24 15.92 -0.43
C LEU B 92 30.81 17.29 -0.76
N THR B 93 32.13 17.43 -0.63
CA THR B 93 32.77 18.71 -0.95
C THR B 93 32.61 19.01 -2.43
N GLN B 94 32.68 17.99 -3.26
CA GLN B 94 32.48 18.17 -4.69
C GLN B 94 31.03 18.56 -5.00
N VAL B 95 30.07 17.87 -4.37
CA VAL B 95 28.67 18.25 -4.61
C VAL B 95 28.44 19.70 -4.14
N LYS B 96 29.19 20.17 -3.16
CA LYS B 96 29.08 21.57 -2.66
C LYS B 96 29.73 22.52 -3.66
N LEU B 97 30.79 22.07 -4.24
CA LEU B 97 31.38 22.89 -5.28
C LEU B 97 30.43 23.02 -6.48
N VAL B 98 29.83 21.90 -6.91
CA VAL B 98 28.86 21.93 -8.00
C VAL B 98 27.68 22.81 -7.62
N SER B 99 27.27 22.74 -6.35
CA SER B 99 26.22 23.59 -5.81
C SER B 99 26.59 25.06 -5.91
N GLN B 100 27.82 25.41 -5.48
CA GLN B 100 28.24 26.80 -5.51
C GLN B 100 28.37 27.29 -6.94
N ASN B 101 28.65 26.40 -7.89
CA ASN B 101 28.86 26.78 -9.27
C ASN B 101 27.59 26.78 -10.12
N THR B 102 26.47 26.24 -9.61
CA THR B 102 25.23 26.16 -10.36
C THR B 102 24.04 26.82 -9.67
N ASN B 103 24.21 27.30 -8.46
CA ASN B 103 23.09 27.85 -7.69
C ASN B 103 21.84 26.96 -7.69
N ASP B 104 22.02 25.64 -7.66
CA ASP B 104 20.90 24.70 -7.64
C ASP B 104 20.92 23.93 -6.32
N PRO B 105 19.85 23.96 -5.51
CA PRO B 105 19.91 23.30 -4.20
C PRO B 105 19.57 21.82 -4.15
N VAL B 106 19.04 21.25 -5.23
CA VAL B 106 18.58 19.86 -5.21
C VAL B 106 19.70 18.85 -5.06
N PRO B 107 20.78 18.91 -5.85
CA PRO B 107 21.85 17.91 -5.63
C PRO B 107 22.37 17.94 -4.19
N TYR B 108 22.62 19.12 -3.61
CA TYR B 108 23.08 19.17 -2.21
C TYR B 108 22.09 18.49 -1.27
N ALA B 109 20.79 18.69 -1.47
CA ALA B 109 19.81 18.07 -0.60
C ALA B 109 19.87 16.55 -0.68
N ILE B 110 19.92 15.98 -1.88
CA ILE B 110 20.00 14.53 -2.02
C ILE B 110 21.29 14.04 -1.41
N ALA B 111 22.39 14.75 -1.62
CA ALA B 111 23.66 14.36 -1.02
C ALA B 111 23.58 14.31 0.49
N GLN B 112 22.84 15.22 1.12
CA GLN B 112 22.72 15.16 2.58
C GLN B 112 21.95 13.93 3.02
N VAL B 113 20.93 13.52 2.26
CA VAL B 113 20.22 12.29 2.58
C VAL B 113 21.16 11.11 2.54
N ILE B 114 21.97 11.01 1.47
CA ILE B 114 22.92 9.92 1.35
C ILE B 114 23.93 9.98 2.49
N LYS B 115 24.38 11.19 2.84
CA LYS B 115 25.32 11.36 3.96
C LYS B 115 24.79 10.70 5.23
N VAL B 116 23.52 11.00 5.57
CA VAL B 116 22.93 10.40 6.77
C VAL B 116 22.80 8.88 6.61
N ALA B 117 22.40 8.42 5.44
CA ALA B 117 22.30 6.99 5.20
C ALA B 117 23.62 6.28 5.44
N ALA B 118 24.73 6.92 5.04
CA ALA B 118 26.05 6.33 5.26
C ALA B 118 26.51 6.46 6.71
N MET B 119 26.37 7.67 7.27
CA MET B 119 27.01 7.96 8.58
C MET B 119 26.20 7.41 9.76
N HIS B 120 24.89 7.15 9.64
CA HIS B 120 24.21 6.62 10.81
C HIS B 120 24.74 5.20 11.11
N ARG B 121 25.18 4.47 10.08
CA ARG B 121 25.76 3.13 10.27
C ARG B 121 27.04 3.21 11.08
N VAL B 122 27.82 4.30 10.89
CA VAL B 122 29.10 4.48 11.59
C VAL B 122 28.85 4.75 13.08
N THR B 123 28.04 5.77 13.40
CA THR B 123 27.74 6.01 14.82
C THR B 123 27.03 4.82 15.44
N ASP B 124 26.18 4.13 14.68
CA ASP B 124 25.49 2.98 15.26
C ASP B 124 26.49 1.89 15.63
N ALA B 125 27.65 1.84 15.00
CA ALA B 125 28.67 0.86 15.34
C ALA B 125 29.52 1.25 16.54
N PHE B 126 29.87 2.55 16.71
CA PHE B 126 30.83 2.98 17.70
C PHE B 126 30.26 3.82 18.83
N GLY B 127 29.14 4.52 18.63
CA GLY B 127 28.64 5.49 19.60
C GLY B 127 29.13 6.88 19.22
N PRO B 128 29.80 7.60 20.14
CA PRO B 128 30.34 8.91 19.77
C PRO B 128 31.34 8.77 18.63
N ILE B 129 31.30 9.71 17.69
CA ILE B 129 32.22 9.72 16.54
C ILE B 129 32.53 11.17 16.20
N PRO B 130 33.61 11.41 15.46
CA PRO B 130 33.76 12.68 14.77
C PRO B 130 32.54 12.82 13.85
N TYR B 131 31.99 14.04 13.78
CA TYR B 131 30.88 14.28 12.86
C TYR B 131 30.90 15.76 12.45
N SER B 132 30.49 16.65 13.36
CA SER B 132 30.46 18.09 13.04
C SER B 132 31.80 18.63 12.56
N GLN B 133 32.92 18.10 13.05
CA GLN B 133 34.22 18.65 12.70
C GLN B 133 34.99 17.79 11.71
N ILE B 134 34.38 16.77 11.10
CA ILE B 134 35.10 16.03 10.05
C ILE B 134 35.51 17.01 8.94
N GLY B 135 36.74 16.86 8.45
CA GLY B 135 37.29 17.75 7.44
C GLY B 135 36.72 17.54 6.04
N ALA B 136 37.09 18.46 5.15
CA ALA B 136 36.57 18.50 3.78
C ALA B 136 36.97 17.28 2.98
N ASN B 137 38.08 16.65 3.32
CA ASN B 137 38.50 15.41 2.69
C ASN B 137 38.18 14.21 3.57
N GLY B 138 37.32 14.38 4.57
CA GLY B 138 36.98 13.27 5.43
C GLY B 138 37.99 12.99 6.51
N GLU B 139 38.79 13.98 6.88
CA GLU B 139 39.72 13.84 8.00
C GLU B 139 38.94 13.64 9.29
N ILE B 140 39.27 12.58 10.04
CA ILE B 140 38.60 12.30 11.30
C ILE B 140 39.46 12.57 12.53
N ALA B 141 40.66 13.15 12.36
CA ALA B 141 41.53 13.43 13.49
C ALA B 141 41.08 14.75 14.11
N THR B 142 39.86 14.75 14.65
CA THR B 142 39.14 15.90 15.12
C THR B 142 38.40 15.60 16.40
N PRO B 143 37.86 16.61 17.06
CA PRO B 143 36.94 16.34 18.17
C PRO B 143 35.77 15.49 17.75
N TYR B 144 35.28 14.69 18.69
CA TYR B 144 34.11 13.85 18.51
C TYR B 144 32.82 14.62 18.90
N ASP B 145 31.70 14.16 18.35
CA ASP B 145 30.37 14.52 18.83
C ASP B 145 29.82 13.36 19.66
N SER B 146 29.03 13.67 20.68
CA SER B 146 28.26 12.63 21.36
C SER B 146 27.28 12.02 20.36
N GLN B 147 26.81 10.80 20.64
CA GLN B 147 25.84 10.22 19.74
C GLN B 147 24.54 11.01 19.74
N GLU B 148 24.11 11.54 20.89
CA GLU B 148 22.86 12.31 20.84
C GLU B 148 23.00 13.55 19.95
N VAL B 149 24.14 14.25 20.05
CA VAL B 149 24.33 15.40 19.17
C VAL B 149 24.30 14.95 17.73
N THR B 150 24.98 13.85 17.42
CA THR B 150 25.02 13.33 16.05
C THR B 150 23.63 13.02 15.55
N TYR B 151 22.84 12.31 16.35
CA TYR B 151 21.48 11.92 15.91
C TYR B 151 20.62 13.18 15.77
N ASN B 152 20.73 14.15 16.69
CA ASN B 152 19.94 15.36 16.52
C ASN B 152 20.32 16.09 15.24
N THR B 153 21.61 16.07 14.90
CA THR B 153 22.06 16.66 13.64
C THR B 153 21.53 15.89 12.44
N PHE B 154 21.49 14.57 12.52
CA PHE B 154 20.91 13.75 11.43
C PHE B 154 19.49 14.22 11.16
N PHE B 155 18.66 14.49 12.17
CA PHE B 155 17.30 14.98 11.94
C PHE B 155 17.33 16.39 11.35
N ASP B 156 18.21 17.27 11.83
CA ASP B 156 18.33 18.60 11.24
C ASP B 156 18.64 18.49 9.73
N GLU B 157 19.58 17.62 9.37
CA GLU B 157 20.01 17.47 8.00
C GLU B 157 18.92 16.89 7.12
N LEU B 158 18.27 15.83 7.58
CA LEU B 158 17.16 15.25 6.82
C LEU B 158 16.01 16.25 6.68
N ASN B 159 15.66 16.96 7.75
CA ASN B 159 14.53 17.86 7.68
C ASN B 159 14.79 18.96 6.67
N ALA B 160 16.02 19.49 6.64
CA ALA B 160 16.33 20.54 5.68
C ALA B 160 16.29 20.01 4.26
N ALA B 161 16.82 18.81 4.06
CA ALA B 161 16.81 18.22 2.72
C ALA B 161 15.40 17.90 2.26
N ILE B 162 14.56 17.36 3.15
CA ILE B 162 13.18 17.07 2.79
C ILE B 162 12.45 18.34 2.40
N ALA B 163 12.64 19.40 3.17
CA ALA B 163 11.99 20.68 2.81
C ALA B 163 12.45 21.15 1.44
N THR B 164 13.76 21.13 1.18
CA THR B 164 14.28 21.57 -0.11
C THR B 164 13.67 20.74 -1.23
N LEU B 165 13.64 19.41 -1.05
CA LEU B 165 13.15 18.55 -2.11
C LEU B 165 11.66 18.75 -2.35
N ASN B 166 10.88 18.90 -1.28
CA ASN B 166 9.45 19.13 -1.47
C ASN B 166 9.19 20.42 -2.24
N GLU B 167 10.00 21.44 -2.00
CA GLU B 167 9.89 22.73 -2.69
C GLU B 167 10.31 22.63 -4.16
N ASN B 168 11.04 21.60 -4.51
CA ASN B 168 11.57 21.35 -5.84
C ASN B 168 11.14 19.99 -6.36
N SER B 169 9.90 19.58 -6.05
CA SER B 169 9.55 18.18 -6.23
C SER B 169 9.41 17.79 -7.69
N ASN B 170 9.33 18.75 -8.59
CA ASN B 170 9.26 18.47 -10.02
C ASN B 170 10.62 18.62 -10.70
N GLU B 171 11.66 19.01 -9.96
CA GLU B 171 13.00 19.03 -10.49
CA GLU B 171 13.01 19.03 -10.48
C GLU B 171 13.56 17.61 -10.55
N GLN B 172 14.78 17.49 -11.05
CA GLN B 172 15.34 16.16 -11.14
C GLN B 172 16.84 16.23 -11.32
N LEU B 173 17.47 15.07 -11.16
CA LEU B 173 18.86 14.91 -11.50
C LEU B 173 18.92 14.18 -12.84
N VAL B 174 20.02 14.37 -13.52
CA VAL B 174 20.42 13.56 -14.67
C VAL B 174 20.31 12.09 -14.26
N PRO B 175 19.63 11.23 -15.01
CA PRO B 175 19.48 9.85 -14.51
C PRO B 175 20.77 9.11 -14.32
N THR B 176 21.77 9.34 -15.18
CA THR B 176 23.04 8.64 -15.05
C THR B 176 23.87 9.17 -13.88
N ALA B 177 23.48 10.25 -13.25
CA ALA B 177 24.16 10.73 -12.05
C ALA B 177 23.69 10.02 -10.80
N ASP B 178 22.70 9.11 -10.90
CA ASP B 178 22.05 8.58 -9.70
C ASP B 178 21.63 7.11 -9.93
N TYR B 179 22.52 6.21 -9.55
CA TYR B 179 22.25 4.79 -9.67
C TYR B 179 21.06 4.34 -8.82
N ILE B 180 20.76 5.04 -7.73
CA ILE B 180 19.74 4.57 -6.80
C ILE B 180 18.35 4.80 -7.35
N TYR B 181 18.03 6.05 -7.73
CA TYR B 181 16.68 6.42 -8.13
C TYR B 181 16.63 7.14 -9.49
N LYS B 182 17.71 7.12 -10.25
CA LYS B 182 17.72 7.70 -11.60
C LYS B 182 17.23 9.14 -11.59
N GLY B 183 17.52 9.87 -10.51
CA GLY B 183 17.26 11.27 -10.47
C GLY B 183 15.86 11.68 -10.08
N ASP B 184 15.02 10.73 -9.66
CA ASP B 184 13.63 10.99 -9.34
CA ASP B 184 13.61 10.97 -9.33
C ASP B 184 13.53 11.57 -7.94
N VAL B 185 13.28 12.87 -7.86
CA VAL B 185 13.22 13.59 -6.59
C VAL B 185 12.13 13.05 -5.70
N LYS B 186 10.99 12.64 -6.27
CA LYS B 186 9.91 12.14 -5.42
C LYS B 186 10.27 10.83 -4.73
N LYS B 187 11.05 9.98 -5.40
CA LYS B 187 11.54 8.77 -4.75
C LYS B 187 12.55 9.12 -3.66
N TRP B 188 13.43 10.10 -3.90
CA TRP B 188 14.33 10.53 -2.84
C TRP B 188 13.59 11.10 -1.64
N ILE B 189 12.48 11.81 -1.86
CA ILE B 189 11.71 12.32 -0.72
C ILE B 189 11.18 11.14 0.09
N ARG B 190 10.61 10.15 -0.58
CA ARG B 190 10.08 8.99 0.13
C ARG B 190 11.18 8.26 0.91
N PHE B 191 12.35 8.06 0.31
CA PHE B 191 13.44 7.45 1.05
C PHE B 191 13.86 8.33 2.22
N ALA B 192 13.99 9.63 2.02
CA ALA B 192 14.41 10.49 3.11
C ALA B 192 13.46 10.41 4.29
N ASN B 193 12.17 10.44 4.03
CA ASN B 193 11.21 10.33 5.15
C ASN B 193 11.27 8.93 5.77
N SER B 194 11.52 7.89 4.97
CA SER B 194 11.61 6.54 5.51
C SER B 194 12.83 6.40 6.41
N LEU B 195 13.96 7.00 6.00
CA LEU B 195 15.16 7.00 6.83
C LEU B 195 14.91 7.79 8.11
N LYS B 196 14.24 8.94 7.99
CA LYS B 196 13.86 9.71 9.17
C LYS B 196 13.04 8.87 10.12
N LEU B 197 12.10 8.08 9.60
CA LEU B 197 11.29 7.21 10.43
C LEU B 197 12.13 6.12 11.10
N ARG B 198 13.06 5.49 10.36
CA ARG B 198 13.98 4.54 10.97
C ARG B 198 14.71 5.16 12.15
N LEU B 199 15.26 6.36 11.96
CA LEU B 199 16.03 7.00 13.02
C LEU B 199 15.11 7.41 14.18
N ALA B 200 13.87 7.80 13.88
CA ALA B 200 12.92 8.17 14.95
C ALA B 200 12.62 6.97 15.84
N ILE B 201 12.36 5.80 15.25
CA ILE B 201 12.10 4.63 16.05
C ILE B 201 13.37 4.24 16.82
N ARG B 202 14.53 4.43 16.19
CA ARG B 202 15.82 4.13 16.88
C ARG B 202 15.89 4.90 18.20
N ILE B 203 15.43 6.15 18.26
CA ILE B 203 15.53 6.99 19.44
C ILE B 203 14.27 6.97 20.32
N ALA B 204 13.39 6.00 20.09
CA ALA B 204 12.11 6.03 20.79
C ALA B 204 12.22 5.83 22.29
N TYR B 205 13.25 5.13 22.77
CA TYR B 205 13.49 5.04 24.21
C TYR B 205 14.30 6.22 24.73
N ALA B 206 15.33 6.65 23.97
CA ALA B 206 16.25 7.65 24.46
C ALA B 206 15.64 9.04 24.48
N ASN B 207 14.76 9.34 23.54
CA ASN B 207 14.10 10.65 23.48
C ASN B 207 12.71 10.49 22.89
N PRO B 208 11.76 10.01 23.72
CA PRO B 208 10.43 9.69 23.18
C PRO B 208 9.70 10.88 22.61
N VAL B 209 9.92 12.08 23.14
CA VAL B 209 9.22 13.26 22.65
C VAL B 209 9.67 13.56 21.23
N LYS B 210 10.99 13.62 21.01
CA LYS B 210 11.50 13.88 19.69
C LYS B 210 11.15 12.74 18.74
N ALA B 211 11.26 11.51 19.24
CA ALA B 211 10.95 10.36 18.39
C ALA B 211 9.55 10.46 17.81
N GLN B 212 8.57 10.78 18.65
CA GLN B 212 7.20 10.87 18.19
C GLN B 212 7.04 11.98 17.16
N GLN B 213 7.65 13.15 17.44
CA GLN B 213 7.55 14.25 16.50
C GLN B 213 8.14 13.87 15.15
N MET B 214 9.34 13.29 15.16
CA MET B 214 9.97 12.95 13.88
C MET B 214 9.20 11.86 13.14
N ALA B 215 8.73 10.84 13.85
CA ALA B 215 8.02 9.73 13.21
C ALA B 215 6.72 10.23 12.58
N GLU B 216 5.96 11.05 13.32
CA GLU B 216 4.70 11.54 12.76
C GLU B 216 4.93 12.53 11.63
N GLU B 217 5.99 13.34 11.67
CA GLU B 217 6.29 14.18 10.51
C GLU B 217 6.62 13.31 9.29
N ALA B 218 7.35 12.20 9.52
CA ALA B 218 7.83 11.41 8.38
C ALA B 218 6.67 10.81 7.59
N VAL B 219 5.58 10.44 8.29
CA VAL B 219 4.45 9.81 7.64
C VAL B 219 3.31 10.78 7.35
N ASN B 220 3.45 12.06 7.66
CA ASN B 220 2.42 13.05 7.34
C ASN B 220 2.41 13.25 5.83
N PRO B 221 1.29 13.05 5.14
CA PRO B 221 1.31 13.15 3.66
C PRO B 221 1.78 14.49 3.13
N ALA B 222 1.65 15.55 3.92
CA ALA B 222 2.07 16.87 3.47
C ALA B 222 3.57 16.93 3.24
N ASN B 223 4.34 15.97 3.78
CA ASN B 223 5.81 16.03 3.69
C ASN B 223 6.33 15.06 2.62
N GLY B 224 5.45 14.46 1.83
CA GLY B 224 5.86 13.75 0.62
C GLY B 224 5.76 12.26 0.67
N GLY B 225 5.56 11.70 1.86
CA GLY B 225 5.33 10.29 2.01
C GLY B 225 6.58 9.47 2.29
N VAL B 226 6.33 8.20 2.63
CA VAL B 226 7.36 7.19 2.86
C VAL B 226 7.31 6.13 1.76
N ILE B 227 8.24 5.21 1.77
CA ILE B 227 8.23 4.09 0.83
C ILE B 227 7.09 3.16 1.21
N GLU B 228 6.11 3.01 0.31
CA GLU B 228 4.92 2.19 0.52
C GLU B 228 4.80 1.06 -0.47
N SER B 229 5.73 0.93 -1.39
CA SER B 229 5.65 -0.10 -2.42
C SER B 229 7.07 -0.54 -2.71
N ASN B 230 7.20 -1.80 -3.10
CA ASN B 230 8.51 -2.33 -3.45
C ASN B 230 9.14 -1.60 -4.62
N ALA B 231 8.36 -1.02 -5.51
CA ALA B 231 8.92 -0.26 -6.61
C ALA B 231 9.78 0.89 -6.15
N ASP B 232 9.62 1.37 -4.91
CA ASP B 232 10.35 2.49 -4.38
C ASP B 232 11.44 2.05 -3.39
N ASN B 233 11.76 0.77 -3.32
CA ASN B 233 12.84 0.33 -2.44
C ASN B 233 14.14 1.04 -2.84
N ALA B 234 15.00 1.28 -1.84
CA ALA B 234 16.29 1.92 -2.05
C ALA B 234 17.35 0.85 -2.18
N THR B 235 17.91 0.71 -3.39
CA THR B 235 18.88 -0.32 -3.71
C THR B 235 19.93 0.20 -4.67
N TRP B 236 21.12 -0.36 -4.56
CA TRP B 236 22.22 -0.19 -5.52
C TRP B 236 22.28 -1.43 -6.39
N ASN B 237 22.28 -1.23 -7.73
CA ASN B 237 22.27 -2.31 -8.71
C ASN B 237 23.36 -2.20 -9.76
N TYR B 238 24.36 -1.36 -9.54
CA TYR B 238 25.40 -1.09 -10.54
C TYR B 238 26.54 -2.07 -10.35
N PHE B 239 26.69 -2.99 -11.31
CA PHE B 239 27.71 -4.03 -11.29
C PHE B 239 28.37 -4.16 -12.66
N GLU B 240 28.66 -3.04 -13.34
CA GLU B 240 29.16 -3.11 -14.72
C GLU B 240 30.53 -3.81 -14.79
N THR B 241 31.40 -3.55 -13.83
CA THR B 241 32.77 -4.04 -13.89
C THR B 241 33.16 -4.85 -12.66
N SER B 242 32.32 -4.92 -11.63
CA SER B 242 32.57 -5.75 -10.46
C SER B 242 31.27 -6.28 -9.93
N GLN B 243 31.35 -7.41 -9.28
CA GLN B 243 30.22 -8.21 -8.81
C GLN B 243 29.72 -7.70 -7.47
N ASN B 244 28.52 -8.15 -7.11
CA ASN B 244 27.97 -7.84 -5.79
C ASN B 244 28.97 -8.28 -4.72
N PRO B 245 29.36 -7.41 -3.80
CA PRO B 245 30.47 -7.74 -2.88
C PRO B 245 30.07 -8.71 -1.79
N ILE B 246 28.79 -8.73 -1.40
CA ILE B 246 28.33 -9.73 -0.44
C ILE B 246 28.40 -11.11 -1.09
N TYR B 247 28.00 -11.22 -2.36
CA TYR B 247 28.20 -12.47 -3.10
C TYR B 247 29.67 -12.89 -3.04
N VAL B 248 30.58 -11.99 -3.44
CA VAL B 248 31.98 -12.37 -3.53
C VAL B 248 32.53 -12.73 -2.15
N ALA B 249 32.26 -11.91 -1.16
CA ALA B 249 32.84 -12.17 0.17
C ALA B 249 32.30 -13.43 0.80
N THR B 250 31.00 -13.67 0.67
CA THR B 250 30.47 -14.91 1.24
C THR B 250 31.05 -16.13 0.53
N ARG B 251 31.45 -15.97 -0.74
CA ARG B 251 31.98 -17.08 -1.52
C ARG B 251 33.48 -17.27 -1.33
N TYR B 252 34.20 -16.38 -0.68
CA TYR B 252 35.64 -16.59 -0.52
C TYR B 252 35.87 -17.96 0.13
N ASN B 253 36.84 -18.68 -0.40
CA ASN B 253 37.25 -19.98 0.11
C ASN B 253 36.22 -21.09 0.03
N GLN B 254 35.16 -20.90 -0.75
CA GLN B 254 34.26 -22.01 -1.04
C GLN B 254 35.08 -23.22 -1.50
N VAL B 255 34.67 -24.41 -1.03
N VAL B 255 34.67 -24.40 -1.04
CA VAL B 255 35.42 -25.63 -1.30
CA VAL B 255 35.45 -25.61 -1.29
C VAL B 255 35.68 -25.76 -2.80
C VAL B 255 35.68 -25.78 -2.77
N GLN B 256 36.93 -26.04 -3.17
CA GLN B 256 37.24 -26.26 -4.56
C GLN B 256 36.64 -27.59 -5.02
N THR B 257 36.28 -27.60 -6.29
CA THR B 257 35.50 -28.72 -6.77
C THR B 257 36.22 -30.06 -6.63
N SER B 258 37.54 -30.07 -6.80
CA SER B 258 38.28 -31.32 -6.63
C SER B 258 38.31 -31.83 -5.20
N ASP B 259 37.99 -30.99 -4.22
CA ASP B 259 37.85 -31.41 -2.83
C ASP B 259 36.39 -31.66 -2.44
N HIS B 260 35.49 -31.70 -3.41
CA HIS B 260 34.05 -31.75 -3.22
C HIS B 260 33.48 -32.85 -4.10
N GLY B 261 34.27 -33.89 -4.40
CA GLY B 261 33.80 -35.02 -5.16
C GLY B 261 33.62 -34.76 -6.63
N GLY B 262 34.10 -33.64 -7.15
CA GLY B 262 33.98 -33.33 -8.55
C GLY B 262 32.71 -32.61 -8.94
N VAL B 263 31.88 -32.24 -7.97
CA VAL B 263 30.69 -31.42 -8.20
CA VAL B 263 30.71 -31.41 -8.22
C VAL B 263 30.91 -30.09 -7.50
N PRO B 264 30.55 -28.95 -8.09
CA PRO B 264 30.77 -27.68 -7.39
C PRO B 264 29.95 -27.56 -6.10
N CYS B 265 30.54 -26.93 -5.08
CA CYS B 265 29.79 -26.54 -3.87
C CYS B 265 29.09 -25.20 -4.15
N LEU B 266 27.88 -25.06 -3.61
CA LEU B 266 27.02 -23.91 -3.82
C LEU B 266 26.76 -23.09 -2.58
N THR B 267 27.33 -23.46 -1.45
CA THR B 267 26.89 -22.88 -0.18
C THR B 267 27.73 -21.69 0.26
N GLY B 268 28.82 -21.35 -0.46
CA GLY B 268 29.73 -20.31 -0.02
C GLY B 268 30.85 -20.88 0.83
N GLY B 269 31.73 -19.97 1.26
CA GLY B 269 32.96 -20.31 1.94
C GLY B 269 33.03 -19.67 3.31
N ASP B 270 33.49 -18.42 3.36
CA ASP B 270 33.79 -17.74 4.61
C ASP B 270 32.58 -17.32 5.41
N THR B 271 31.39 -17.25 4.80
CA THR B 271 30.17 -16.91 5.51
C THR B 271 29.06 -17.83 5.06
N HIS B 272 28.29 -18.38 6.00
CA HIS B 272 27.08 -19.15 5.74
C HIS B 272 25.88 -18.47 6.38
N ALA B 273 24.69 -19.00 6.11
CA ALA B 273 23.51 -18.51 6.79
C ALA B 273 23.56 -18.91 8.25
N ALA B 274 23.10 -18.02 9.11
CA ALA B 274 23.06 -18.27 10.54
C ALA B 274 21.96 -19.24 10.95
N ALA B 275 22.27 -20.01 11.99
CA ALA B 275 21.31 -20.91 12.59
C ALA B 275 20.05 -20.19 13.02
N ASP B 276 20.19 -18.99 13.56
CA ASP B 276 19.04 -18.31 14.22
C ASP B 276 17.89 -18.10 13.27
N ILE B 277 18.13 -17.41 12.17
CA ILE B 277 17.04 -17.07 11.25
C ILE B 277 16.42 -18.32 10.66
N ILE B 278 17.24 -19.34 10.40
CA ILE B 278 16.72 -20.59 9.86
C ILE B 278 15.84 -21.34 10.89
N CYS B 279 16.18 -21.28 12.18
CA CYS B 279 15.30 -21.88 13.16
C CYS B 279 13.92 -21.24 13.17
N TYR B 280 13.86 -19.91 13.08
CA TYR B 280 12.55 -19.24 13.01
C TYR B 280 11.82 -19.64 11.75
N MET B 281 12.50 -19.54 10.59
CA MET B 281 11.80 -19.72 9.33
C MET B 281 11.44 -21.18 9.07
N ASN B 282 12.25 -22.15 9.56
CA ASN B 282 11.86 -23.55 9.51
C ASN B 282 10.62 -23.77 10.36
N GLY B 283 10.61 -23.22 11.58
CA GLY B 283 9.46 -23.44 12.44
C GLY B 283 8.19 -22.86 11.83
N TYR B 284 8.30 -21.68 11.20
CA TYR B 284 7.20 -21.01 10.54
C TYR B 284 6.88 -21.57 9.16
N LYS B 285 7.60 -22.60 8.68
CA LYS B 285 7.34 -23.19 7.35
C LYS B 285 7.30 -22.10 6.29
N ASP B 286 8.28 -21.21 6.36
CA ASP B 286 8.25 -19.92 5.63
C ASP B 286 8.73 -20.11 4.19
N ASN B 287 7.87 -19.75 3.22
CA ASN B 287 8.18 -19.93 1.81
C ASN B 287 9.24 -18.97 1.30
N ARG B 288 9.68 -18.01 2.11
CA ARG B 288 10.83 -17.20 1.72
C ARG B 288 12.14 -17.95 1.86
N ARG B 289 12.18 -19.13 2.52
CA ARG B 289 13.46 -19.81 2.74
C ARG B 289 14.21 -20.06 1.44
N GLU B 290 13.51 -20.55 0.41
CA GLU B 290 14.25 -20.87 -0.82
C GLU B 290 14.78 -19.61 -1.50
N LYS B 291 14.21 -18.45 -1.20
CA LYS B 291 14.66 -17.18 -1.74
C LYS B 291 15.83 -16.61 -0.95
N PHE B 292 15.95 -16.96 0.33
CA PHE B 292 16.96 -16.39 1.19
C PHE B 292 18.24 -17.23 1.23
N PHE B 293 18.07 -18.54 1.23
CA PHE B 293 19.11 -19.48 1.58
C PHE B 293 19.36 -20.49 0.47
N THR B 294 20.61 -20.93 0.32
CA THR B 294 20.85 -22.12 -0.48
C THR B 294 20.39 -23.34 0.32
N LYS B 295 20.13 -24.42 -0.40
CA LYS B 295 19.81 -25.70 0.25
C LYS B 295 21.07 -26.14 1.00
N SER B 296 20.88 -26.75 2.16
CA SER B 296 21.97 -27.35 2.89
C SER B 296 22.28 -28.71 2.19
N GLU B 297 23.43 -29.28 2.50
CA GLU B 297 23.82 -30.60 2.04
C GLU B 297 23.66 -31.64 3.12
N TRP B 298 23.01 -31.31 4.22
CA TRP B 298 22.79 -32.25 5.30
C TRP B 298 21.59 -33.15 4.94
N ALA B 299 21.80 -34.45 5.06
CA ALA B 299 20.80 -35.42 4.61
C ALA B 299 19.46 -35.15 5.27
N GLY B 300 18.43 -35.07 4.43
CA GLY B 300 17.08 -34.88 4.88
C GLY B 300 16.69 -33.52 5.39
N GLN B 301 17.55 -32.51 5.30
CA GLN B 301 17.24 -31.17 5.83
C GLN B 301 17.54 -30.12 4.75
N ASP B 302 16.49 -29.47 4.27
CA ASP B 302 16.70 -28.45 3.23
C ASP B 302 17.43 -27.22 3.75
N TYR B 303 17.12 -26.77 4.97
CA TYR B 303 17.71 -25.55 5.48
C TYR B 303 18.25 -25.77 6.89
N VAL B 304 19.54 -25.52 7.07
N VAL B 304 19.53 -25.50 7.08
CA VAL B 304 20.19 -25.60 8.38
CA VAL B 304 20.22 -25.60 8.35
C VAL B 304 21.30 -24.55 8.41
C VAL B 304 21.27 -24.51 8.37
N GLY B 305 21.21 -23.60 9.35
CA GLY B 305 22.25 -22.60 9.45
C GLY B 305 23.37 -23.04 10.38
N MET B 306 24.50 -22.35 10.27
CA MET B 306 25.63 -22.55 11.17
C MET B 306 25.47 -21.63 12.37
N ARG B 307 25.80 -22.13 13.56
CA ARG B 307 25.71 -21.29 14.74
C ARG B 307 26.80 -20.22 14.77
N ARG B 308 26.44 -19.07 15.29
CA ARG B 308 27.31 -17.93 15.48
C ARG B 308 27.97 -18.02 16.84
N GLY B 309 29.24 -17.67 16.90
CA GLY B 309 29.97 -17.68 18.15
C GLY B 309 30.27 -19.07 18.66
N ILE B 310 30.99 -19.84 17.84
CA ILE B 310 31.33 -21.23 18.11
C ILE B 310 32.80 -21.43 17.81
N VAL B 311 33.30 -22.64 18.08
CA VAL B 311 34.52 -23.12 17.43
C VAL B 311 34.11 -23.45 15.97
N ILE B 312 34.58 -22.64 15.03
CA ILE B 312 34.14 -22.79 13.65
C ILE B 312 34.69 -24.09 13.09
N PRO B 313 33.86 -24.95 12.50
CA PRO B 313 34.34 -26.22 11.97
C PRO B 313 35.12 -26.06 10.67
N GLU B 314 35.81 -27.14 10.34
CA GLU B 314 36.47 -27.25 9.05
C GLU B 314 35.46 -27.17 7.91
N LEU B 315 35.69 -26.26 6.96
CA LEU B 315 34.75 -26.08 5.87
C LEU B 315 34.59 -27.34 5.02
N LYS B 316 35.70 -28.00 4.65
CA LYS B 316 35.59 -29.04 3.63
C LYS B 316 34.95 -30.32 4.13
N THR B 317 34.88 -30.53 5.44
CA THR B 317 34.20 -31.71 5.97
C THR B 317 32.74 -31.39 6.28
N THR B 318 32.47 -30.45 7.21
CA THR B 318 31.09 -30.16 7.56
C THR B 318 30.67 -28.72 7.30
N GLY B 319 31.55 -27.72 7.37
CA GLY B 319 31.06 -26.36 7.27
C GLY B 319 30.34 -26.07 5.97
N HIS B 320 30.80 -26.68 4.87
CA HIS B 320 30.22 -26.44 3.56
C HIS B 320 28.84 -27.04 3.42
N LYS B 321 28.42 -27.90 4.37
CA LYS B 321 27.13 -28.53 4.25
C LYS B 321 25.99 -27.65 4.76
N TYR B 322 26.29 -26.63 5.55
CA TYR B 322 25.25 -25.72 6.06
C TYR B 322 24.72 -24.85 4.92
N SER B 323 23.46 -24.42 5.05
CA SER B 323 22.90 -23.49 4.08
C SER B 323 23.74 -22.22 3.98
N GLY B 324 23.86 -21.73 2.75
CA GLY B 324 24.52 -20.47 2.48
C GLY B 324 23.52 -19.35 2.19
N VAL B 325 24.08 -18.17 1.92
CA VAL B 325 23.32 -16.99 1.52
C VAL B 325 22.97 -17.16 0.05
N ASN B 326 21.68 -17.10 -0.28
CA ASN B 326 21.23 -17.20 -1.69
C ASN B 326 21.35 -15.82 -2.33
N ILE B 327 22.48 -15.58 -3.00
CA ILE B 327 22.79 -14.29 -3.60
C ILE B 327 23.63 -14.62 -4.82
N ALA B 328 23.66 -13.70 -5.75
CA ALA B 328 24.28 -13.84 -7.06
C ALA B 328 25.14 -12.64 -7.38
N PRO B 329 25.98 -12.77 -8.42
CA PRO B 329 26.86 -11.65 -8.78
C PRO B 329 26.17 -10.36 -9.07
N THR B 330 24.92 -10.39 -9.52
CA THR B 330 24.24 -9.15 -9.90
C THR B 330 23.09 -8.81 -8.95
N SER B 331 23.02 -9.46 -7.80
CA SER B 331 21.96 -9.16 -6.85
C SER B 331 22.09 -7.73 -6.33
N PRO B 332 20.99 -7.08 -5.95
CA PRO B 332 21.06 -5.72 -5.38
C PRO B 332 21.81 -5.66 -4.06
N LEU B 333 22.30 -4.48 -3.72
CA LEU B 333 22.66 -4.16 -2.33
C LEU B 333 21.53 -3.29 -1.81
N TYR B 334 20.92 -3.72 -0.74
CA TYR B 334 19.77 -3.02 -0.18
C TYR B 334 20.18 -1.93 0.79
N TRP B 335 19.51 -0.79 0.73
CA TRP B 335 19.57 0.22 1.77
C TRP B 335 18.34 0.13 2.68
N MET B 336 17.16 0.04 2.06
CA MET B 336 15.90 0.02 2.85
C MET B 336 14.79 -0.51 1.95
N ASN B 337 13.89 -1.30 2.47
CA ASN B 337 12.74 -1.83 1.74
C ASN B 337 11.41 -1.35 2.34
N ALA B 338 10.36 -1.56 1.55
CA ALA B 338 9.04 -1.11 1.94
C ALA B 338 8.53 -1.87 3.16
N ALA B 339 8.87 -3.15 3.30
CA ALA B 339 8.47 -3.92 4.47
C ALA B 339 8.94 -3.25 5.75
N GLU B 340 10.21 -2.80 5.79
CA GLU B 340 10.72 -2.15 6.99
C GLU B 340 9.88 -0.97 7.38
N VAL B 341 9.49 -0.14 6.41
CA VAL B 341 8.67 1.04 6.70
C VAL B 341 7.36 0.63 7.35
N ALA B 342 6.72 -0.42 6.82
CA ALA B 342 5.50 -0.93 7.44
C ALA B 342 5.72 -1.37 8.87
N PHE B 343 6.81 -2.11 9.14
CA PHE B 343 7.08 -2.59 10.49
C PHE B 343 7.50 -1.45 11.44
N LEU B 344 8.11 -0.37 10.91
CA LEU B 344 8.37 0.81 11.72
C LEU B 344 7.07 1.46 12.16
N ARG B 345 6.10 1.54 11.26
CA ARG B 345 4.80 2.11 11.59
C ARG B 345 4.05 1.20 12.56
N ALA B 346 4.16 -0.12 12.38
CA ALA B 346 3.53 -1.04 13.32
C ALA B 346 4.07 -0.86 14.73
N GLU B 347 5.40 -0.79 14.87
CA GLU B 347 6.00 -0.62 16.18
C GLU B 347 5.67 0.75 16.78
N GLY B 348 5.73 1.79 15.95
CA GLY B 348 5.40 3.12 16.43
C GLY B 348 4.01 3.15 17.05
N GLN B 349 3.04 2.55 16.34
CA GLN B 349 1.67 2.49 16.82
C GLN B 349 1.52 1.61 18.05
N ALA B 350 2.00 0.36 17.96
CA ALA B 350 1.72 -0.63 19.01
C ALA B 350 2.46 -0.35 20.29
N VAL B 351 3.73 0.03 20.19
CA VAL B 351 4.62 0.07 21.33
C VAL B 351 4.73 1.49 21.90
N PHE B 352 4.69 2.51 21.04
CA PHE B 352 4.96 3.89 21.46
C PHE B 352 3.75 4.81 21.34
N ASN B 353 2.63 4.31 20.83
CA ASN B 353 1.39 5.06 20.67
C ASN B 353 1.54 6.27 19.77
N PHE B 354 2.41 6.16 18.77
CA PHE B 354 2.49 7.18 17.75
C PHE B 354 1.32 7.02 16.78
N SER B 355 0.92 8.09 16.14
CA SER B 355 -0.18 8.06 15.15
C SER B 355 0.42 7.87 13.77
N MET B 356 0.35 6.64 13.25
CA MET B 356 1.12 6.23 12.09
C MET B 356 0.29 6.04 10.82
N GLY B 357 -1.03 6.20 10.88
CA GLY B 357 -1.90 6.10 9.74
C GLY B 357 -2.73 4.84 9.65
N GLY B 358 -2.78 4.00 10.68
CA GLY B 358 -3.51 2.74 10.64
C GLY B 358 -3.21 1.96 11.90
N THR B 359 -3.85 0.81 12.05
CA THR B 359 -3.60 -0.02 13.23
C THR B 359 -2.24 -0.70 13.09
N ALA B 360 -1.67 -1.08 14.22
CA ALA B 360 -0.43 -1.84 14.16
C ALA B 360 -0.61 -3.16 13.41
N GLU B 361 -1.71 -3.87 13.63
CA GLU B 361 -1.93 -5.13 12.95
C GLU B 361 -1.95 -4.91 11.44
N SER B 362 -2.57 -3.82 10.99
CA SER B 362 -2.64 -3.56 9.58
C SER B 362 -1.26 -3.41 8.96
N PHE B 363 -0.38 -2.71 9.66
CA PHE B 363 0.98 -2.50 9.17
C PHE B 363 1.83 -3.77 9.27
N TYR B 364 1.63 -4.54 10.32
CA TYR B 364 2.31 -5.84 10.46
C TYR B 364 1.98 -6.76 9.29
N ASN B 365 0.69 -6.93 9.01
CA ASN B 365 0.29 -7.79 7.91
C ASN B 365 0.81 -7.25 6.58
N GLN B 366 0.75 -5.92 6.41
CA GLN B 366 1.25 -5.31 5.17
C GLN B 366 2.75 -5.53 5.02
N GLY B 367 3.52 -5.41 6.09
CA GLY B 367 4.95 -5.65 5.98
C GLY B 367 5.26 -7.06 5.54
N ILE B 368 4.56 -8.05 6.09
CA ILE B 368 4.77 -9.45 5.68
C ILE B 368 4.41 -9.62 4.21
N ARG B 369 3.26 -9.06 3.81
CA ARG B 369 2.86 -9.11 2.40
C ARG B 369 3.89 -8.47 1.48
N LEU B 370 4.39 -7.29 1.86
CA LEU B 370 5.41 -6.63 1.03
C LEU B 370 6.65 -7.49 0.90
N SER B 371 7.05 -8.15 1.98
CA SER B 371 8.24 -8.99 1.93
C SER B 371 8.04 -10.23 1.04
N PHE B 372 6.94 -10.93 1.21
CA PHE B 372 6.65 -12.06 0.34
C PHE B 372 6.65 -11.62 -1.11
N GLU B 373 6.02 -10.48 -1.40
CA GLU B 373 5.99 -9.97 -2.76
C GLU B 373 7.37 -9.65 -3.27
N GLN B 374 8.17 -8.96 -2.46
CA GLN B 374 9.52 -8.57 -2.83
C GLN B 374 10.32 -9.77 -3.32
N TRP B 375 10.20 -10.89 -2.61
CA TRP B 375 11.00 -12.08 -2.87
C TRP B 375 10.29 -13.07 -3.79
N GLY B 376 9.10 -12.75 -4.27
CA GLY B 376 8.39 -13.64 -5.17
C GLY B 376 7.92 -14.94 -4.51
N ALA B 377 7.60 -14.90 -3.21
CA ALA B 377 7.15 -16.09 -2.50
C ALA B 377 5.62 -16.15 -2.47
N ASP B 378 5.09 -17.35 -2.67
CA ASP B 378 3.67 -17.60 -2.57
C ASP B 378 3.28 -17.99 -1.14
N GLY B 379 1.98 -17.97 -0.88
CA GLY B 379 1.47 -18.48 0.36
C GLY B 379 1.33 -17.50 1.48
N VAL B 380 1.42 -16.20 1.23
CA VAL B 380 1.40 -15.27 2.36
C VAL B 380 0.08 -15.33 3.13
N GLU B 381 -1.04 -15.55 2.46
CA GLU B 381 -2.30 -15.46 3.20
C GLU B 381 -2.41 -16.57 4.22
N ASP B 382 -1.92 -17.77 3.90
CA ASP B 382 -1.89 -18.84 4.89
C ASP B 382 -0.90 -18.54 6.01
N TYR B 383 0.23 -17.92 5.66
CA TYR B 383 1.25 -17.57 6.64
C TYR B 383 0.67 -16.63 7.70
N LEU B 384 -0.10 -15.62 7.26
CA LEU B 384 -0.68 -14.60 8.14
C LEU B 384 -1.68 -15.16 9.11
N LYS B 385 -2.25 -16.29 8.77
CA LYS B 385 -3.26 -16.99 9.57
C LYS B 385 -2.64 -17.94 10.60
N ASP B 386 -1.33 -18.18 10.55
CA ASP B 386 -0.72 -19.26 11.33
C ASP B 386 -0.55 -18.86 12.78
N ASP B 387 -1.39 -19.41 13.66
CA ASP B 387 -1.31 -19.14 15.10
C ASP B 387 -0.79 -20.34 15.87
N VAL B 388 -0.14 -21.28 15.19
CA VAL B 388 0.28 -22.55 15.76
C VAL B 388 1.78 -22.75 15.71
N ASN B 389 2.40 -22.55 14.55
CA ASN B 389 3.79 -22.97 14.38
C ASN B 389 4.76 -22.02 15.03
N LYS B 390 5.75 -22.56 15.68
CA LYS B 390 6.70 -21.78 16.48
C LYS B 390 8.11 -21.99 16.00
N PRO B 391 9.00 -21.04 16.29
CA PRO B 391 10.44 -21.23 16.00
C PRO B 391 10.94 -22.53 16.61
N THR B 392 11.89 -23.17 15.93
CA THR B 392 12.46 -24.40 16.42
C THR B 392 13.59 -24.11 17.43
N ALA B 393 14.03 -25.18 18.11
CA ALA B 393 15.35 -25.23 18.71
C ALA B 393 16.40 -25.44 17.63
N TYR B 394 17.67 -25.41 18.00
CA TYR B 394 18.74 -25.64 17.04
C TYR B 394 19.41 -26.99 17.28
N THR B 395 19.00 -27.98 16.52
CA THR B 395 19.66 -29.29 16.56
C THR B 395 20.73 -29.28 15.50
N ASP B 396 21.98 -29.14 15.92
CA ASP B 396 23.08 -29.11 14.97
C ASP B 396 23.23 -30.50 14.37
N PRO B 397 23.14 -30.67 13.05
CA PRO B 397 23.33 -32.03 12.52
C PRO B 397 24.68 -32.62 12.85
N ALA B 398 25.68 -31.80 13.07
CA ALA B 398 27.02 -32.25 13.46
C ALA B 398 27.08 -32.59 14.94
N GLY B 399 26.07 -32.24 15.72
CA GLY B 399 25.98 -32.50 17.14
C GLY B 399 26.66 -31.44 18.02
N THR B 400 27.77 -30.93 17.54
CA THR B 400 28.71 -30.24 18.41
C THR B 400 28.12 -28.97 19.00
N ASN B 401 27.29 -28.24 18.25
CA ASN B 401 26.88 -26.91 18.66
C ASN B 401 25.37 -26.75 18.80
N THR B 402 24.68 -27.83 19.10
CA THR B 402 23.27 -27.79 19.44
C THR B 402 22.94 -26.79 20.52
N TYR B 403 21.79 -26.13 20.37
CA TYR B 403 21.17 -25.30 21.39
C TYR B 403 19.74 -25.84 21.56
N GLN B 404 19.49 -26.48 22.67
CA GLN B 404 18.31 -27.34 22.79
C GLN B 404 17.02 -26.61 23.08
N ASN B 405 16.99 -25.31 23.31
CA ASN B 405 15.75 -24.59 23.61
C ASN B 405 15.18 -23.95 22.35
N ALA B 406 13.85 -23.99 22.22
CA ALA B 406 13.21 -23.23 21.14
C ALA B 406 13.58 -21.76 21.28
N LEU B 407 13.86 -21.10 20.16
CA LEU B 407 14.39 -19.75 20.30
C LEU B 407 13.36 -18.77 20.88
N SER B 408 12.08 -18.99 20.59
CA SER B 408 10.99 -18.22 21.12
C SER B 408 9.73 -19.04 20.91
N ASN B 409 8.67 -18.65 21.62
CA ASN B 409 7.35 -19.23 21.39
C ASN B 409 6.41 -18.33 20.59
N ILE B 410 6.93 -17.24 20.05
CA ILE B 410 6.10 -16.27 19.34
C ILE B 410 5.61 -16.87 18.02
N THR B 411 4.31 -16.72 17.77
CA THR B 411 3.63 -17.18 16.55
C THR B 411 3.39 -16.00 15.62
N ILE B 412 3.14 -16.31 14.34
CA ILE B 412 2.99 -15.27 13.32
C ILE B 412 1.70 -14.46 13.50
N LYS B 413 0.55 -15.12 13.52
CA LYS B 413 -0.72 -14.39 13.44
C LYS B 413 -0.80 -13.33 14.52
N TRP B 414 -1.24 -12.13 14.14
CA TRP B 414 -1.40 -11.08 15.13
C TRP B 414 -2.34 -11.54 16.24
N ASN B 415 -1.92 -11.31 17.47
CA ASN B 415 -2.69 -11.57 18.66
C ASN B 415 -3.24 -10.24 19.18
N ASP B 416 -4.55 -10.06 19.03
CA ASP B 416 -5.15 -8.79 19.40
C ASP B 416 -4.95 -8.48 20.89
N SER B 417 -4.88 -9.50 21.74
CA SER B 417 -4.81 -9.33 23.20
C SER B 417 -3.38 -9.27 23.73
N ALA B 418 -2.39 -9.19 22.84
CA ALA B 418 -1.01 -9.09 23.28
C ALA B 418 -0.76 -7.80 24.04
N ASP B 419 0.11 -7.86 25.04
CA ASP B 419 0.62 -6.65 25.65
C ASP B 419 1.69 -6.03 24.75
N LYS B 420 2.15 -4.83 25.11
CA LYS B 420 3.04 -4.09 24.21
C LYS B 420 4.34 -4.85 23.97
N GLU B 421 4.85 -5.54 24.98
CA GLU B 421 6.10 -6.29 24.83
C GLU B 421 5.96 -7.45 23.84
N GLU B 422 4.84 -8.17 23.91
CA GLU B 422 4.61 -9.23 22.93
C GLU B 422 4.39 -8.66 21.54
N LYS B 423 3.64 -7.57 21.42
CA LYS B 423 3.50 -6.93 20.11
C LYS B 423 4.88 -6.56 19.55
N GLN B 424 5.75 -6.01 20.40
CA GLN B 424 7.08 -5.63 19.92
C GLN B 424 7.84 -6.86 19.44
N GLU B 425 7.80 -7.96 20.20
CA GLU B 425 8.51 -9.16 19.78
C GLU B 425 8.05 -9.63 18.41
N ARG B 426 6.73 -9.76 18.25
CA ARG B 426 6.16 -10.23 17.00
C ARG B 426 6.56 -9.32 15.84
N ILE B 427 6.43 -8.00 16.01
CA ILE B 427 6.78 -7.05 14.95
C ILE B 427 8.25 -7.20 14.60
N ILE B 428 9.14 -7.19 15.61
CA ILE B 428 10.57 -7.26 15.34
C ILE B 428 10.97 -8.56 14.69
N VAL B 429 10.37 -9.68 15.09
CA VAL B 429 10.72 -10.96 14.45
C VAL B 429 10.43 -10.89 12.95
N GLN B 430 9.25 -10.39 12.57
CA GLN B 430 8.91 -10.35 11.15
C GLN B 430 9.70 -9.28 10.41
N LYS B 431 9.96 -8.15 11.07
CA LYS B 431 10.81 -7.12 10.49
C LYS B 431 12.22 -7.67 10.24
N TRP B 432 12.74 -8.43 11.19
CA TRP B 432 14.04 -9.07 11.09
C TRP B 432 14.08 -10.04 9.93
N ILE B 433 13.08 -10.92 9.81
CA ILE B 433 13.07 -11.81 8.65
C ILE B 433 13.09 -11.01 7.36
N ALA B 434 12.20 -10.00 7.27
CA ALA B 434 12.08 -9.24 6.04
C ALA B 434 13.33 -8.42 5.73
N ASN B 435 14.16 -8.15 6.71
CA ASN B 435 15.39 -7.39 6.51
C ASN B 435 16.61 -8.29 6.30
N TRP B 436 16.40 -9.56 5.95
CA TRP B 436 17.48 -10.45 5.54
C TRP B 436 18.50 -9.69 4.69
N GLN B 437 19.77 -9.80 5.09
CA GLN B 437 20.99 -9.22 4.54
C GLN B 437 21.33 -7.86 5.11
N LEU B 438 20.38 -7.16 5.71
CA LEU B 438 20.62 -5.83 6.28
C LEU B 438 21.05 -6.00 7.74
N GLY B 439 22.23 -6.62 7.91
CA GLY B 439 22.65 -7.04 9.23
C GLY B 439 22.94 -5.90 10.19
N ASN B 440 23.50 -4.79 9.69
CA ASN B 440 23.69 -3.65 10.60
C ASN B 440 22.37 -3.15 11.17
N GLU B 441 21.31 -3.15 10.35
CA GLU B 441 20.02 -2.70 10.84
C GLU B 441 19.46 -3.69 11.86
N ALA B 442 19.56 -4.99 11.57
CA ALA B 442 19.12 -6.00 12.52
C ALA B 442 19.87 -5.91 13.85
N TRP B 443 21.16 -5.64 13.79
CA TRP B 443 21.97 -5.49 14.99
C TRP B 443 21.50 -4.29 15.81
N ALA B 444 21.09 -3.20 15.14
CA ALA B 444 20.53 -2.00 15.83
C ALA B 444 19.20 -2.34 16.54
N ASP B 445 18.09 -2.81 15.91
CA ASP B 445 16.91 -3.39 16.59
C ASP B 445 17.38 -4.37 17.64
N PHE B 446 18.24 -5.30 17.45
CA PHE B 446 18.46 -6.24 18.55
C PHE B 446 18.97 -5.52 19.78
N ARG B 447 19.92 -4.61 19.60
CA ARG B 447 20.45 -3.88 20.74
C ARG B 447 19.35 -3.00 21.36
N ARG B 448 18.50 -2.38 20.54
CA ARG B 448 17.48 -1.47 21.09
C ARG B 448 16.39 -2.24 21.82
N THR B 449 15.95 -3.35 21.27
CA THR B 449 14.73 -4.01 21.73
C THR B 449 14.95 -5.34 22.42
N GLY B 450 16.07 -6.01 22.19
CA GLY B 450 16.27 -7.37 22.62
C GLY B 450 15.65 -8.43 21.76
N TYR B 451 15.10 -8.06 20.61
CA TYR B 451 14.45 -8.98 19.71
C TYR B 451 15.13 -8.98 18.36
N PRO B 452 15.03 -10.07 17.61
CA PRO B 452 14.46 -11.33 18.07
C PRO B 452 15.33 -11.97 19.15
N LYS B 453 14.75 -12.87 19.93
CA LYS B 453 15.55 -13.72 20.79
C LYS B 453 16.40 -14.65 19.93
N LEU B 454 17.69 -14.63 20.19
CA LEU B 454 18.69 -15.31 19.38
C LEU B 454 19.29 -16.47 20.18
N ILE B 455 20.14 -17.25 19.53
CA ILE B 455 20.91 -18.32 20.20
C ILE B 455 22.11 -17.67 20.85
N PRO B 456 22.35 -17.92 22.14
N PRO B 456 22.33 -17.87 22.14
CA PRO B 456 23.49 -17.27 22.81
CA PRO B 456 23.48 -17.24 22.77
C PRO B 456 24.82 -17.78 22.29
C PRO B 456 24.81 -17.74 22.21
N VAL B 457 25.83 -16.88 22.27
CA VAL B 457 27.16 -17.30 21.86
C VAL B 457 27.63 -18.44 22.79
N LYS B 458 28.27 -19.43 22.22
CA LYS B 458 28.79 -20.57 22.96
C LYS B 458 30.27 -20.42 23.29
N GLU B 459 31.06 -19.97 22.30
CA GLU B 459 32.52 -19.79 22.37
C GLU B 459 32.74 -18.29 22.43
N ASN B 460 32.72 -17.77 23.67
CA ASN B 460 32.89 -16.34 23.95
C ASN B 460 34.34 -16.03 24.28
N LYS B 461 35.02 -15.29 23.40
CA LYS B 461 36.46 -15.03 23.47
C LYS B 461 36.78 -13.61 23.94
N SER B 462 35.87 -12.98 24.71
CA SER B 462 36.00 -11.59 25.09
C SER B 462 36.80 -11.37 26.38
N GLY B 463 37.41 -12.42 26.91
CA GLY B 463 38.06 -12.27 28.20
C GLY B 463 37.03 -11.90 29.24
N GLY B 464 35.80 -12.45 29.08
CA GLY B 464 34.72 -12.26 30.02
C GLY B 464 34.03 -10.91 30.00
N VAL B 465 34.30 -10.03 29.02
CA VAL B 465 33.76 -8.65 29.04
C VAL B 465 32.36 -8.59 28.44
N VAL B 466 32.12 -9.35 27.38
CA VAL B 466 30.86 -9.30 26.62
C VAL B 466 29.96 -10.42 27.08
N ASP B 467 28.68 -10.13 27.26
CA ASP B 467 27.72 -11.14 27.66
C ASP B 467 27.29 -11.98 26.45
N SER B 468 27.15 -13.30 26.65
CA SER B 468 26.85 -14.19 25.53
C SER B 468 25.44 -14.05 25.01
N GLU B 469 24.54 -13.47 25.80
CA GLU B 469 23.18 -13.20 25.36
C GLU B 469 23.01 -11.79 24.81
N LYS B 470 23.46 -10.75 25.57
CA LYS B 470 23.32 -9.37 25.10
C LYS B 470 24.21 -9.15 23.88
N GLY B 471 25.32 -9.86 23.80
CA GLY B 471 26.21 -9.78 22.68
C GLY B 471 26.95 -8.46 22.58
N ALA B 472 27.56 -8.27 21.40
CA ALA B 472 28.31 -7.04 21.16
C ALA B 472 27.37 -5.86 21.16
N ARG B 473 27.74 -4.85 21.92
CA ARG B 473 26.94 -3.64 22.04
C ARG B 473 27.46 -2.48 21.20
N ARG B 474 28.71 -2.59 20.74
CA ARG B 474 29.42 -1.61 19.92
C ARG B 474 30.73 -2.26 19.51
N MET B 475 31.42 -1.62 18.56
CA MET B 475 32.81 -1.89 18.27
C MET B 475 33.71 -1.06 19.17
N PRO B 476 34.90 -1.56 19.54
CA PRO B 476 35.88 -0.71 20.22
C PRO B 476 36.42 0.33 19.25
N TYR B 477 36.93 1.44 19.78
CA TYR B 477 37.48 2.44 18.88
C TYR B 477 38.72 1.90 18.16
N PRO B 478 38.94 2.34 16.92
CA PRO B 478 40.14 1.94 16.19
C PRO B 478 41.40 2.25 16.98
N LEU B 479 42.36 1.30 16.93
CA LEU B 479 43.62 1.53 17.64
C LEU B 479 44.33 2.77 17.13
N ASP B 480 44.21 3.09 15.85
CA ASP B 480 44.91 4.22 15.31
C ASP B 480 44.38 5.54 15.90
N GLU B 481 43.15 5.59 16.40
CA GLU B 481 42.69 6.85 16.97
C GLU B 481 43.58 7.26 18.15
N PHE B 482 44.14 6.29 18.89
CA PHE B 482 45.04 6.62 20.00
C PHE B 482 46.45 7.03 19.58
N VAL B 483 46.77 6.88 18.29
CA VAL B 483 48.02 7.31 17.69
C VAL B 483 47.88 8.67 17.03
N SER B 484 46.86 8.82 16.18
CA SER B 484 46.70 10.02 15.35
C SER B 484 45.69 11.01 15.91
N ASN B 485 44.92 10.63 16.94
CA ASN B 485 43.84 11.48 17.44
C ASN B 485 43.62 11.29 18.94
N LYS B 486 44.72 11.13 19.67
CA LYS B 486 44.64 10.65 21.04
C LYS B 486 43.78 11.51 21.95
N ALA B 487 44.05 12.83 21.97
CA ALA B 487 43.32 13.67 22.91
C ALA B 487 41.82 13.62 22.65
N ASN B 488 41.45 13.59 21.38
CA ASN B 488 40.04 13.64 21.04
C ASN B 488 39.32 12.35 21.33
N VAL B 489 39.90 11.20 21.00
CA VAL B 489 39.22 9.94 21.32
C VAL B 489 39.16 9.74 22.83
N GLU B 490 40.23 10.11 23.55
CA GLU B 490 40.21 9.95 25.01
C GLU B 490 39.16 10.85 25.63
N TYR B 491 39.00 12.06 25.08
CA TYR B 491 37.95 12.93 25.57
C TYR B 491 36.57 12.32 25.34
N ALA B 492 36.37 11.71 24.18
CA ALA B 492 35.08 11.07 23.90
C ALA B 492 34.79 9.92 24.86
N ILE B 493 35.80 9.11 25.16
CA ILE B 493 35.62 8.04 26.13
C ILE B 493 35.24 8.62 27.47
N ALA B 494 35.90 9.71 27.87
CA ALA B 494 35.73 10.27 29.20
C ALA B 494 34.42 11.04 29.37
N ASN B 495 33.81 11.51 28.27
CA ASN B 495 32.67 12.40 28.37
C ASN B 495 31.40 11.94 27.65
N TYR B 496 31.53 11.19 26.57
CA TYR B 496 30.40 10.84 25.72
C TYR B 496 30.05 9.36 25.69
N LEU B 497 30.97 8.50 26.06
CA LEU B 497 30.76 7.05 25.91
C LEU B 497 30.02 6.43 27.08
N HIS B 498 30.25 6.90 28.29
CA HIS B 498 29.51 6.42 29.46
C HIS B 498 29.71 4.93 29.66
N GLY B 499 30.96 4.54 29.60
CA GLY B 499 31.38 3.17 29.82
C GLY B 499 32.76 3.01 29.25
N ALA B 500 33.37 1.86 29.56
CA ALA B 500 34.69 1.55 29.03
C ALA B 500 34.64 1.42 27.50
N ASP B 501 35.79 1.67 26.87
CA ASP B 501 35.92 1.51 25.41
C ASP B 501 36.13 0.04 25.09
N ASN B 502 35.02 -0.72 25.11
CA ASN B 502 35.01 -2.14 24.78
C ASN B 502 33.65 -2.47 24.19
N MET B 503 33.44 -3.74 23.86
CA MET B 503 32.24 -4.15 23.15
C MET B 503 31.03 -4.30 24.05
N ALA B 504 31.18 -4.13 25.35
CA ALA B 504 30.06 -4.30 26.26
C ALA B 504 29.33 -3.01 26.55
N THR B 505 29.88 -1.85 26.21
CA THR B 505 29.23 -0.58 26.50
C THR B 505 28.17 -0.22 25.48
N ASP B 506 26.99 0.15 25.97
CA ASP B 506 25.90 0.51 25.07
C ASP B 506 26.08 1.91 24.53
N VAL B 507 25.66 2.08 23.28
CA VAL B 507 25.54 3.39 22.69
C VAL B 507 24.32 4.11 23.26
N TRP B 508 24.29 5.44 23.11
CA TRP B 508 23.25 6.28 23.70
C TRP B 508 21.82 5.77 23.42
N TRP B 509 21.49 5.45 22.16
CA TRP B 509 20.10 5.11 21.88
C TRP B 509 19.70 3.76 22.45
N ALA B 510 20.66 2.95 22.86
CA ALA B 510 20.35 1.61 23.38
C ALA B 510 20.02 1.63 24.89
N SER B 511 18.86 2.28 25.22
CA SER B 511 18.47 2.61 26.61
C SER B 511 17.13 2.03 27.06
N LYS B 512 16.61 1.00 26.40
CA LYS B 512 15.38 0.37 26.87
C LYS B 512 15.60 -0.20 28.27
MG MG C . -29.94 28.43 0.46
#